data_3QM2
#
_entry.id   3QM2
#
_cell.length_a   64.260
_cell.length_b   82.171
_cell.length_c   71.925
_cell.angle_alpha   90.00
_cell.angle_beta   95.83
_cell.angle_gamma   90.00
#
_symmetry.space_group_name_H-M   'P 1 21 1'
#
loop_
_entity.id
_entity.type
_entity.pdbx_description
1 polymer 'Phosphoserine aminotransferase'
2 non-polymer 'CALCIUM ION'
3 water water
#
_entity_poly.entity_id   1
_entity_poly.type   'polypeptide(L)'
_entity_poly.pdbx_seq_one_letter_code
;MHHHHHHSSGVDLGTENLYFQSNAMAQVFNFSSGPAMLPAEVLKLAQQELCDWHGLGTSVMEISHRGKEFIQVAEEAEQD
FRDLLNIPSNYKVLFCHGGGRGQFAGVPLNLLGDKTTADYVDAGYWAASAIKEAKKYCAPQIIDAKITVDGKRAVKPMRE
WQLSDNAAYLHYCPNETIDGIAIDETPDFGPEVVVTADFSSTILSAPLDVSRYGVIYAGAQKNIGPAGLTLVIVREDLLG
KAHESCPSILDYTVLNDNDSMFNTPPTFAWYLSGLVFKWLKAQGGVAAMHKINQQKAELLYGVIDNSDFYRNDVAQANRS
RMNVPFQLADNTLDKVFLEESFAAGLHALKGHRVVGGMRASIYNAMPIEGVKALTDFMIDFERRHG
;
_entity_poly.pdbx_strand_id   A,B
#
# COMPACT_ATOMS: atom_id res chain seq x y z
N GLN A 27 26.90 5.55 -17.59
CA GLN A 27 25.59 5.56 -16.88
C GLN A 27 25.28 4.17 -16.29
N VAL A 28 24.33 4.13 -15.36
CA VAL A 28 23.92 2.90 -14.69
C VAL A 28 22.55 2.40 -15.17
N PHE A 29 22.48 1.11 -15.52
CA PHE A 29 21.23 0.47 -15.95
C PHE A 29 20.93 -0.66 -14.97
N ASN A 30 19.73 -0.66 -14.42
CA ASN A 30 19.35 -1.67 -13.44
C ASN A 30 18.36 -2.68 -14.06
N PHE A 31 18.76 -3.94 -14.11
CA PHE A 31 17.95 -4.98 -14.76
C PHE A 31 17.10 -5.82 -13.81
N SER A 32 16.83 -5.27 -12.62
CA SER A 32 16.02 -5.96 -11.61
C SER A 32 14.60 -6.14 -12.09
N SER A 33 14.04 -7.31 -11.84
CA SER A 33 12.66 -7.64 -12.22
C SER A 33 11.66 -6.92 -11.34
N GLY A 34 12.08 -6.59 -10.12
CA GLY A 34 11.24 -5.89 -9.14
C GLY A 34 11.98 -5.83 -7.80
N PRO A 35 12.03 -4.63 -7.17
CA PRO A 35 11.47 -3.36 -7.67
C PRO A 35 12.15 -2.97 -8.98
N ALA A 36 11.42 -2.30 -9.87
CA ALA A 36 11.94 -1.92 -11.19
C ALA A 36 12.35 -0.44 -11.32
N MET A 37 12.99 -0.17 -12.45
CA MET A 37 13.49 1.16 -12.85
C MET A 37 12.35 2.10 -13.29
N LEU A 38 12.55 3.40 -13.09
CA LEU A 38 11.58 4.44 -13.50
C LEU A 38 12.10 5.12 -14.78
N PRO A 39 11.18 5.52 -15.69
CA PRO A 39 11.67 6.18 -16.91
C PRO A 39 12.41 7.47 -16.60
N ALA A 40 13.50 7.72 -17.35
CA ALA A 40 14.35 8.90 -17.18
C ALA A 40 13.60 10.23 -17.17
N GLU A 41 12.65 10.40 -18.09
CA GLU A 41 11.87 11.64 -18.17
C GLU A 41 10.89 11.79 -17.01
N VAL A 42 10.27 10.68 -16.60
CA VAL A 42 9.35 10.72 -15.47
C VAL A 42 10.09 11.28 -14.25
N LEU A 43 11.33 10.84 -14.05
CA LEU A 43 12.15 11.33 -12.91
C LEU A 43 12.51 12.81 -13.08
N LYS A 44 12.95 13.22 -14.27
CA LYS A 44 13.29 14.64 -14.54
C LYS A 44 12.05 15.52 -14.37
N LEU A 45 10.93 15.04 -14.86
CA LEU A 45 9.67 15.76 -14.71
C LEU A 45 9.38 15.79 -13.21
N ALA A 46 9.48 14.61 -12.58
CA ALA A 46 9.30 14.46 -11.13
C ALA A 46 10.25 15.40 -10.38
N GLN A 47 11.48 15.56 -10.89
CA GLN A 47 12.48 16.47 -10.29
C GLN A 47 11.98 17.90 -10.13
N GLN A 48 10.87 18.24 -10.79
CA GLN A 48 10.31 19.58 -10.72
C GLN A 48 8.77 19.52 -10.56
N GLU A 49 8.26 19.75 -9.35
CA GLU A 49 9.07 20.03 -8.16
C GLU A 49 9.56 18.74 -7.52
N VAL A 73 -3.69 15.44 -12.09
CA VAL A 73 -3.25 15.22 -10.72
C VAL A 73 -3.39 13.73 -10.36
N ALA A 74 -4.55 13.32 -9.85
CA ALA A 74 -4.78 11.92 -9.48
C ALA A 74 -5.91 11.30 -10.30
N GLU A 75 -6.95 12.10 -10.54
CA GLU A 75 -8.14 11.66 -11.28
C GLU A 75 -7.83 11.45 -12.77
N GLU A 76 -6.88 12.24 -13.30
CA GLU A 76 -6.48 12.06 -14.70
C GLU A 76 -5.77 10.73 -14.89
N ALA A 77 -5.04 10.28 -13.86
CA ALA A 77 -4.31 9.02 -13.93
C ALA A 77 -5.18 7.87 -14.43
N GLU A 78 -6.36 7.70 -13.84
CA GLU A 78 -7.25 6.63 -14.25
C GLU A 78 -7.75 6.82 -15.67
N GLN A 79 -8.09 8.04 -16.02
CA GLN A 79 -8.56 8.30 -17.36
C GLN A 79 -7.44 7.99 -18.35
N ASP A 80 -6.21 8.36 -17.99
CA ASP A 80 -5.06 8.08 -18.85
C ASP A 80 -4.82 6.58 -19.00
N PHE A 81 -4.99 5.82 -17.93
CA PHE A 81 -4.82 4.37 -17.98
C PHE A 81 -5.90 3.79 -18.90
N ARG A 82 -7.16 4.18 -18.68
CA ARG A 82 -8.25 3.74 -19.58
C ARG A 82 -7.95 4.01 -21.03
N ASP A 83 -7.49 5.22 -21.33
CA ASP A 83 -7.17 5.60 -22.71
C ASP A 83 -6.01 4.79 -23.32
N LEU A 84 -4.95 4.56 -22.54
CA LEU A 84 -3.76 3.79 -23.04
C LEU A 84 -4.12 2.42 -23.52
N LEU A 85 -4.94 1.77 -22.73
CA LEU A 85 -5.34 0.44 -23.01
C LEU A 85 -6.69 0.28 -23.70
N ASN A 86 -7.43 1.38 -23.88
CA ASN A 86 -8.77 1.33 -24.49
C ASN A 86 -9.73 0.44 -23.70
N ILE A 87 -9.84 0.72 -22.41
CA ILE A 87 -10.69 -0.07 -21.53
C ILE A 87 -12.17 0.30 -21.80
N PRO A 88 -13.03 -0.70 -22.05
CA PRO A 88 -14.43 -0.37 -22.30
C PRO A 88 -15.11 0.16 -21.03
N SER A 89 -16.19 0.89 -21.25
CA SER A 89 -16.97 1.51 -20.18
C SER A 89 -17.60 0.53 -19.21
N ASN A 90 -17.78 -0.74 -19.56
CA ASN A 90 -18.35 -1.73 -18.64
C ASN A 90 -17.30 -2.37 -17.66
N TYR A 91 -16.10 -1.79 -17.61
CA TYR A 91 -15.05 -2.25 -16.70
C TYR A 91 -14.73 -1.20 -15.65
N LYS A 92 -14.63 -1.60 -14.39
CA LYS A 92 -14.22 -0.66 -13.35
C LYS A 92 -12.70 -0.80 -13.21
N VAL A 93 -12.04 0.33 -12.90
CA VAL A 93 -10.59 0.36 -12.67
C VAL A 93 -10.33 0.81 -11.25
N LEU A 94 -9.69 -0.06 -10.47
CA LEU A 94 -9.38 0.23 -9.09
C LEU A 94 -7.88 0.41 -8.90
N PHE A 95 -7.56 1.45 -8.14
CA PHE A 95 -6.19 1.78 -7.74
C PHE A 95 -6.19 1.53 -6.27
N CYS A 96 -5.44 0.56 -5.80
CA CYS A 96 -5.40 0.27 -4.38
C CYS A 96 -3.96 0.03 -3.90
N HIS A 97 -3.77 0.01 -2.58
CA HIS A 97 -2.44 -0.18 -2.01
C HIS A 97 -2.03 -1.63 -1.91
N GLY A 98 -0.72 -1.86 -1.88
CA GLY A 98 -0.17 -3.20 -1.82
C GLY A 98 0.46 -3.61 -3.15
N GLY A 99 0.95 -4.84 -3.19
CA GLY A 99 1.56 -5.37 -4.38
C GLY A 99 0.54 -6.27 -5.00
N GLY A 100 0.94 -6.92 -6.09
CA GLY A 100 0.07 -7.86 -6.79
C GLY A 100 -0.26 -9.10 -5.96
N ARG A 101 0.61 -9.45 -5.01
CA ARG A 101 0.38 -10.63 -4.14
C ARG A 101 -1.00 -10.60 -3.50
N GLY A 102 -1.49 -9.42 -3.16
CA GLY A 102 -2.78 -9.28 -2.55
C GLY A 102 -3.89 -9.90 -3.37
N GLN A 103 -3.77 -9.79 -4.70
CA GLN A 103 -4.77 -10.32 -5.61
C GLN A 103 -4.81 -11.84 -5.67
N PHE A 104 -3.79 -12.52 -5.17
CA PHE A 104 -3.87 -13.97 -5.13
C PHE A 104 -5.01 -14.33 -4.22
N ALA A 105 -5.25 -13.49 -3.19
CA ALA A 105 -6.37 -13.68 -2.27
C ALA A 105 -7.64 -12.94 -2.78
N GLY A 106 -7.45 -11.71 -3.26
CA GLY A 106 -8.53 -10.86 -3.72
C GLY A 106 -9.40 -11.48 -4.81
N VAL A 107 -8.79 -12.18 -5.74
CA VAL A 107 -9.56 -12.77 -6.82
C VAL A 107 -10.55 -13.83 -6.32
N PRO A 108 -10.08 -14.84 -5.56
CA PRO A 108 -11.06 -15.81 -5.08
C PRO A 108 -12.04 -15.23 -4.07
N LEU A 109 -11.60 -14.34 -3.20
CA LEU A 109 -12.52 -13.70 -2.24
C LEU A 109 -13.67 -12.93 -2.93
N ASN A 110 -13.39 -12.32 -4.10
CA ASN A 110 -14.39 -11.56 -4.87
C ASN A 110 -15.14 -12.32 -5.96
N LEU A 111 -14.49 -13.33 -6.54
CA LEU A 111 -15.10 -14.06 -7.67
C LEU A 111 -15.63 -15.50 -7.45
N LEU A 112 -15.31 -16.17 -6.35
CA LEU A 112 -15.85 -17.53 -6.19
C LEU A 112 -17.39 -17.56 -6.19
N GLY A 113 -18.01 -16.58 -5.53
CA GLY A 113 -19.45 -16.50 -5.42
C GLY A 113 -19.94 -17.73 -4.67
N ASP A 114 -20.87 -18.46 -5.27
CA ASP A 114 -21.38 -19.68 -4.66
C ASP A 114 -20.64 -20.96 -5.11
N LYS A 115 -19.59 -20.82 -5.94
CA LYS A 115 -18.78 -21.97 -6.37
C LYS A 115 -17.66 -22.25 -5.37
N THR A 116 -17.08 -23.44 -5.45
CA THR A 116 -16.01 -23.82 -4.53
C THR A 116 -14.73 -24.27 -5.24
N THR A 117 -14.69 -24.07 -6.56
CA THR A 117 -13.53 -24.44 -7.36
C THR A 117 -13.29 -23.38 -8.43
N ALA A 118 -12.09 -23.35 -8.96
CA ALA A 118 -11.70 -22.42 -10.01
C ALA A 118 -10.56 -23.10 -10.74
N ASP A 119 -10.41 -22.81 -12.03
CA ASP A 119 -9.35 -23.37 -12.85
C ASP A 119 -8.14 -22.45 -12.77
N TYR A 120 -6.99 -23.03 -12.45
CA TYR A 120 -5.70 -22.33 -12.35
C TYR A 120 -4.64 -23.02 -13.23
N VAL A 121 -4.06 -22.23 -14.12
CA VAL A 121 -3.03 -22.67 -15.01
C VAL A 121 -1.69 -22.49 -14.33
N ASP A 122 -0.92 -23.56 -14.30
CA ASP A 122 0.41 -23.55 -13.73
C ASP A 122 1.45 -23.70 -14.82
N ALA A 123 2.19 -22.64 -15.09
CA ALA A 123 3.28 -22.70 -16.06
C ALA A 123 4.47 -21.92 -15.54
N GLY A 124 4.58 -21.80 -14.21
CA GLY A 124 5.64 -21.06 -13.56
C GLY A 124 5.43 -20.69 -12.10
N TYR A 125 6.44 -20.06 -11.52
CA TYR A 125 6.49 -19.69 -10.11
C TYR A 125 5.36 -18.81 -9.57
N TRP A 126 5.05 -17.72 -10.25
CA TRP A 126 4.00 -16.84 -9.81
C TRP A 126 2.63 -17.50 -9.99
N ALA A 127 2.49 -18.30 -11.04
CA ALA A 127 1.23 -19.02 -11.24
C ALA A 127 1.06 -20.02 -10.11
N ALA A 128 2.16 -20.65 -9.70
CA ALA A 128 2.12 -21.63 -8.59
C ALA A 128 1.83 -20.96 -7.25
N SER A 129 2.32 -19.73 -7.07
CA SER A 129 2.09 -18.99 -5.81
C SER A 129 0.62 -18.60 -5.66
N ALA A 130 0.03 -18.20 -6.77
CA ALA A 130 -1.39 -17.87 -6.83
C ALA A 130 -2.20 -19.11 -6.44
N ILE A 131 -1.81 -20.27 -6.96
CA ILE A 131 -2.48 -21.52 -6.66
C ILE A 131 -2.37 -21.82 -5.17
N LYS A 132 -1.17 -21.63 -4.60
CA LYS A 132 -0.97 -21.91 -3.18
C LYS A 132 -1.89 -21.03 -2.32
N GLU A 133 -1.98 -19.74 -2.65
CA GLU A 133 -2.85 -18.85 -1.88
C GLU A 133 -4.36 -19.22 -2.09
N ALA A 134 -4.74 -19.58 -3.32
CA ALA A 134 -6.14 -19.97 -3.59
C ALA A 134 -6.64 -21.16 -2.75
N LYS A 135 -5.74 -22.05 -2.33
CA LYS A 135 -6.11 -23.21 -1.48
C LYS A 135 -6.71 -22.76 -0.16
N LYS A 136 -6.53 -21.50 0.20
CA LYS A 136 -7.12 -20.98 1.45
C LYS A 136 -8.63 -20.75 1.27
N TYR A 137 -9.05 -20.56 0.02
CA TYR A 137 -10.44 -20.20 -0.30
C TYR A 137 -11.25 -21.20 -1.14
N CYS A 138 -10.59 -22.12 -1.85
CA CYS A 138 -11.29 -23.08 -2.69
C CYS A 138 -10.38 -24.27 -3.00
N ALA A 139 -10.86 -25.17 -3.86
CA ALA A 139 -10.07 -26.33 -4.34
C ALA A 139 -9.70 -25.99 -5.77
N PRO A 140 -8.49 -25.51 -6.00
CA PRO A 140 -8.15 -25.15 -7.38
C PRO A 140 -8.01 -26.37 -8.29
N GLN A 141 -8.48 -26.29 -9.53
CA GLN A 141 -8.35 -27.41 -10.49
C GLN A 141 -7.17 -26.98 -11.32
N ILE A 142 -6.06 -27.66 -11.12
CA ILE A 142 -4.80 -27.30 -11.70
C ILE A 142 -4.61 -27.81 -13.11
N ILE A 143 -4.27 -26.90 -14.00
CA ILE A 143 -4.03 -27.23 -15.39
C ILE A 143 -2.52 -27.12 -15.57
N ASP A 144 -1.85 -28.26 -15.71
CA ASP A 144 -0.41 -28.26 -15.90
C ASP A 144 -0.16 -27.97 -17.37
N ALA A 145 0.24 -26.74 -17.67
CA ALA A 145 0.45 -26.33 -19.06
C ALA A 145 1.91 -26.37 -19.50
N LYS A 146 2.80 -26.83 -18.61
N LYS A 146 2.81 -26.80 -18.60
CA LYS A 146 4.22 -26.95 -18.92
CA LYS A 146 4.23 -26.90 -18.95
C LYS A 146 4.50 -28.11 -19.87
C LYS A 146 4.48 -28.10 -19.88
N ILE A 147 5.05 -27.81 -21.05
CA ILE A 147 5.41 -28.83 -22.03
C ILE A 147 6.81 -28.50 -22.59
N THR A 148 7.38 -29.44 -23.31
CA THR A 148 8.69 -29.31 -23.92
C THR A 148 8.49 -29.27 -25.41
N VAL A 149 9.05 -28.26 -26.08
CA VAL A 149 8.97 -28.12 -27.53
C VAL A 149 10.37 -27.88 -28.11
N ASP A 150 10.82 -28.74 -29.02
CA ASP A 150 12.15 -28.62 -29.62
C ASP A 150 13.19 -28.58 -28.49
N GLY A 151 12.99 -29.43 -27.48
CA GLY A 151 13.87 -29.51 -26.34
C GLY A 151 13.85 -28.34 -25.38
N LYS A 152 12.94 -27.39 -25.55
CA LYS A 152 12.90 -26.23 -24.67
C LYS A 152 11.58 -26.03 -23.96
N ARG A 153 11.60 -25.23 -22.89
CA ARG A 153 10.39 -24.98 -22.10
C ARG A 153 9.35 -24.18 -22.87
N ALA A 154 8.15 -24.76 -22.96
CA ALA A 154 7.03 -24.14 -23.66
C ALA A 154 5.78 -24.24 -22.82
N VAL A 155 4.69 -23.67 -23.33
CA VAL A 155 3.38 -23.74 -22.65
C VAL A 155 2.32 -24.22 -23.64
N LYS A 156 1.45 -25.11 -23.20
CA LYS A 156 0.36 -25.64 -24.03
C LYS A 156 -0.57 -24.54 -24.53
N PRO A 157 -0.97 -24.59 -25.80
CA PRO A 157 -1.90 -23.59 -26.33
C PRO A 157 -3.22 -23.59 -25.55
N MET A 158 -3.90 -22.45 -25.54
CA MET A 158 -5.15 -22.30 -24.80
C MET A 158 -6.25 -23.26 -25.14
N ARG A 159 -6.31 -23.73 -26.39
CA ARG A 159 -7.38 -24.64 -26.77
C ARG A 159 -7.17 -26.04 -26.18
N GLU A 160 -6.04 -26.27 -25.54
CA GLU A 160 -5.76 -27.57 -24.93
C GLU A 160 -5.93 -27.53 -23.42
N TRP A 161 -6.28 -26.36 -22.90
CA TRP A 161 -6.49 -26.18 -21.45
C TRP A 161 -7.79 -26.86 -21.10
N GLN A 162 -7.73 -27.85 -20.19
CA GLN A 162 -8.94 -28.62 -19.80
C GLN A 162 -9.67 -27.84 -18.71
N LEU A 163 -10.76 -27.19 -19.09
CA LEU A 163 -11.54 -26.38 -18.20
C LEU A 163 -12.63 -27.18 -17.53
N SER A 164 -13.05 -26.75 -16.36
CA SER A 164 -14.13 -27.43 -15.69
C SER A 164 -15.39 -26.54 -15.76
N ASP A 165 -16.55 -27.14 -16.00
CA ASP A 165 -17.82 -26.40 -16.10
C ASP A 165 -18.19 -25.69 -14.79
N ASN A 166 -17.93 -26.33 -13.67
CA ASN A 166 -18.28 -25.75 -12.36
C ASN A 166 -17.33 -24.67 -11.81
N ALA A 167 -16.25 -24.39 -12.53
CA ALA A 167 -15.26 -23.39 -12.12
C ALA A 167 -15.85 -21.97 -12.11
N ALA A 168 -15.50 -21.18 -11.11
CA ALA A 168 -16.00 -19.82 -11.03
C ALA A 168 -15.26 -18.90 -12.02
N TYR A 169 -14.03 -19.24 -12.33
CA TYR A 169 -13.19 -18.45 -13.26
C TYR A 169 -11.99 -19.29 -13.63
N LEU A 170 -11.18 -18.74 -14.52
CA LEU A 170 -9.93 -19.30 -15.00
C LEU A 170 -8.86 -18.27 -14.66
N HIS A 171 -7.75 -18.69 -14.07
CA HIS A 171 -6.66 -17.80 -13.74
C HIS A 171 -5.38 -18.27 -14.40
N TYR A 172 -4.62 -17.35 -14.98
CA TYR A 172 -3.30 -17.68 -15.57
C TYR A 172 -2.43 -16.45 -15.44
N CYS A 173 -1.13 -16.64 -15.62
CA CYS A 173 -0.13 -15.55 -15.55
C CYS A 173 0.49 -15.44 -16.93
N PRO A 174 0.26 -14.32 -17.65
CA PRO A 174 0.84 -14.20 -19.01
C PRO A 174 2.31 -13.96 -19.11
N ASN A 175 2.96 -13.63 -18.01
CA ASN A 175 4.40 -13.40 -18.04
C ASN A 175 5.03 -13.74 -16.71
N GLU A 176 5.87 -14.77 -16.71
CA GLU A 176 6.54 -15.28 -15.50
C GLU A 176 7.92 -14.70 -15.45
N THR A 177 8.12 -13.75 -14.52
CA THR A 177 9.41 -13.04 -14.37
C THR A 177 10.61 -13.91 -14.10
N ILE A 178 10.46 -14.93 -13.28
CA ILE A 178 11.59 -15.80 -12.95
C ILE A 178 11.85 -16.82 -14.04
N ASP A 179 10.81 -17.35 -14.66
CA ASP A 179 11.00 -18.36 -15.68
C ASP A 179 11.27 -17.80 -17.07
N GLY A 180 10.91 -16.53 -17.30
CA GLY A 180 11.08 -15.92 -18.62
C GLY A 180 10.14 -16.52 -19.67
N ILE A 181 8.98 -16.98 -19.20
CA ILE A 181 7.95 -17.59 -20.02
C ILE A 181 6.73 -16.67 -20.20
N ALA A 182 6.32 -16.47 -21.43
CA ALA A 182 5.17 -15.63 -21.69
C ALA A 182 4.12 -16.39 -22.47
N ILE A 183 2.87 -16.07 -22.18
CA ILE A 183 1.73 -16.62 -22.87
C ILE A 183 1.05 -15.43 -23.49
N ASP A 184 1.42 -15.12 -24.72
CA ASP A 184 0.87 -13.99 -25.48
C ASP A 184 -0.49 -14.23 -26.14
N GLU A 185 -0.92 -15.47 -26.21
CA GLU A 185 -2.18 -15.80 -26.86
C GLU A 185 -3.38 -15.01 -26.31
N THR A 186 -4.22 -14.51 -27.21
CA THR A 186 -5.40 -13.77 -26.82
C THR A 186 -6.45 -14.78 -26.42
N PRO A 187 -7.01 -14.62 -25.21
CA PRO A 187 -8.01 -15.57 -24.84
C PRO A 187 -9.27 -15.43 -25.70
N ASP A 188 -9.88 -16.54 -26.05
CA ASP A 188 -11.11 -16.49 -26.82
C ASP A 188 -11.97 -17.67 -26.40
N PHE A 189 -12.19 -17.76 -25.09
CA PHE A 189 -13.01 -18.82 -24.55
C PHE A 189 -14.46 -18.36 -24.70
N GLY A 190 -15.41 -19.23 -24.44
CA GLY A 190 -16.81 -18.82 -24.60
C GLY A 190 -17.19 -17.74 -23.60
N PRO A 191 -18.41 -17.19 -23.74
CA PRO A 191 -18.85 -16.17 -22.80
C PRO A 191 -19.13 -16.72 -21.40
N GLU A 192 -19.07 -18.05 -21.21
CA GLU A 192 -19.31 -18.66 -19.91
C GLU A 192 -18.00 -18.84 -19.12
N VAL A 193 -16.90 -18.35 -19.66
CA VAL A 193 -15.63 -18.48 -18.99
C VAL A 193 -15.16 -17.10 -18.56
N VAL A 194 -14.92 -16.95 -17.26
CA VAL A 194 -14.45 -15.70 -16.72
C VAL A 194 -12.91 -15.78 -16.56
N VAL A 195 -12.18 -15.05 -17.40
CA VAL A 195 -10.73 -15.11 -17.38
C VAL A 195 -10.13 -14.06 -16.46
N THR A 196 -9.23 -14.50 -15.56
CA THR A 196 -8.54 -13.60 -14.66
C THR A 196 -7.04 -13.78 -14.91
N ALA A 197 -6.26 -12.72 -14.77
CA ALA A 197 -4.86 -12.79 -15.10
C ALA A 197 -3.98 -11.80 -14.36
N ASP A 198 -2.79 -12.27 -14.02
CA ASP A 198 -1.77 -11.49 -13.36
C ASP A 198 -0.84 -10.85 -14.41
N PHE A 199 -1.11 -9.60 -14.73
CA PHE A 199 -0.34 -8.85 -15.71
C PHE A 199 0.73 -7.98 -15.10
N SER A 200 1.11 -8.28 -13.87
CA SER A 200 2.10 -7.44 -13.19
C SER A 200 3.33 -7.10 -14.02
N SER A 201 3.90 -8.10 -14.68
CA SER A 201 5.16 -7.87 -15.38
C SER A 201 5.11 -7.45 -16.85
N THR A 202 3.90 -7.34 -17.43
CA THR A 202 3.76 -6.91 -18.82
C THR A 202 2.70 -5.84 -19.09
N ILE A 203 1.94 -5.43 -18.08
CA ILE A 203 0.90 -4.42 -18.29
C ILE A 203 1.54 -3.20 -18.94
N LEU A 204 0.90 -2.68 -19.99
CA LEU A 204 1.35 -1.50 -20.76
C LEU A 204 2.51 -1.73 -21.79
N SER A 205 3.01 -2.97 -21.89
CA SER A 205 4.06 -3.25 -22.87
C SER A 205 3.51 -3.58 -24.25
N ALA A 206 2.18 -3.74 -24.34
CA ALA A 206 1.54 -4.11 -25.60
C ALA A 206 0.02 -3.87 -25.59
N PRO A 207 -0.60 -3.77 -26.78
CA PRO A 207 -2.05 -3.60 -26.83
C PRO A 207 -2.70 -4.83 -26.19
N LEU A 208 -3.89 -4.66 -25.63
CA LEU A 208 -4.57 -5.74 -24.92
C LEU A 208 -6.10 -5.66 -25.11
N ASP A 209 -6.72 -6.74 -25.58
CA ASP A 209 -8.19 -6.77 -25.76
C ASP A 209 -8.85 -7.03 -24.39
N VAL A 210 -8.98 -5.96 -23.63
CA VAL A 210 -9.53 -6.04 -22.28
C VAL A 210 -10.90 -6.70 -22.22
N SER A 211 -11.68 -6.53 -23.28
CA SER A 211 -13.03 -7.08 -23.35
C SER A 211 -13.08 -8.60 -23.27
N ARG A 212 -11.93 -9.26 -23.43
CA ARG A 212 -11.86 -10.72 -23.38
C ARG A 212 -11.66 -11.29 -21.99
N TYR A 213 -11.49 -10.41 -21.00
CA TYR A 213 -11.22 -10.78 -19.63
C TYR A 213 -12.31 -10.40 -18.66
N GLY A 214 -12.22 -10.99 -17.46
CA GLY A 214 -13.11 -10.72 -16.33
C GLY A 214 -12.36 -9.80 -15.36
N VAL A 215 -11.13 -10.17 -15.03
CA VAL A 215 -10.29 -9.37 -14.17
C VAL A 215 -8.85 -9.41 -14.67
N ILE A 216 -8.24 -8.23 -14.72
CA ILE A 216 -6.84 -8.08 -15.05
C ILE A 216 -6.26 -7.31 -13.88
N TYR A 217 -5.21 -7.85 -13.26
CA TYR A 217 -4.60 -7.14 -12.15
C TYR A 217 -3.09 -7.00 -12.38
N ALA A 218 -2.50 -5.99 -11.78
CA ALA A 218 -1.08 -5.76 -11.94
C ALA A 218 -0.53 -4.95 -10.77
N GLY A 219 0.52 -5.45 -10.12
CA GLY A 219 1.22 -4.65 -9.12
C GLY A 219 1.98 -3.68 -10.00
N ALA A 220 2.12 -2.44 -9.56
CA ALA A 220 2.81 -1.41 -10.38
C ALA A 220 4.31 -1.44 -10.31
N GLN A 221 4.86 -2.12 -9.33
CA GLN A 221 6.31 -2.16 -9.12
C GLN A 221 7.19 -2.72 -10.26
N LYS A 222 6.58 -3.37 -11.25
CA LYS A 222 7.36 -3.96 -12.34
C LYS A 222 7.41 -3.09 -13.60
N ASN A 223 6.37 -3.15 -14.41
CA ASN A 223 6.35 -2.45 -15.68
C ASN A 223 5.89 -0.98 -15.66
N ILE A 224 5.32 -0.51 -14.54
CA ILE A 224 4.91 0.90 -14.40
C ILE A 224 6.02 1.62 -13.65
N GLY A 225 6.49 1.02 -12.56
CA GLY A 225 7.61 1.56 -11.79
C GLY A 225 7.43 1.73 -10.29
N PRO A 226 6.44 2.54 -9.88
CA PRO A 226 6.22 2.85 -8.47
C PRO A 226 5.69 1.69 -7.63
N ALA A 227 6.47 1.32 -6.62
CA ALA A 227 6.08 0.26 -5.72
C ALA A 227 4.94 0.77 -4.86
N GLY A 228 4.14 -0.14 -4.31
CA GLY A 228 3.04 0.22 -3.42
C GLY A 228 1.63 0.29 -4.01
N LEU A 229 1.55 0.37 -5.34
CA LEU A 229 0.25 0.48 -6.04
C LEU A 229 -0.11 -0.79 -6.82
N THR A 230 -1.38 -1.16 -6.79
CA THR A 230 -1.89 -2.30 -7.55
C THR A 230 -3.08 -1.83 -8.33
N LEU A 231 -3.14 -2.17 -9.60
CA LEU A 231 -4.28 -1.77 -10.44
C LEU A 231 -5.11 -3.01 -10.73
N VAL A 232 -6.42 -2.89 -10.63
CA VAL A 232 -7.31 -3.98 -10.92
C VAL A 232 -8.34 -3.49 -11.91
N ILE A 233 -8.53 -4.24 -12.98
CA ILE A 233 -9.49 -3.90 -14.01
C ILE A 233 -10.53 -4.99 -13.90
N VAL A 234 -11.77 -4.64 -13.56
CA VAL A 234 -12.80 -5.65 -13.33
C VAL A 234 -14.07 -5.41 -14.09
N ARG A 235 -14.56 -6.43 -14.78
CA ARG A 235 -15.79 -6.29 -15.53
C ARG A 235 -16.91 -6.09 -14.47
N GLU A 236 -17.71 -5.02 -14.65
CA GLU A 236 -18.69 -4.60 -13.62
C GLU A 236 -19.72 -5.63 -13.16
N ASP A 237 -20.12 -6.55 -14.04
CA ASP A 237 -21.11 -7.56 -13.68
C ASP A 237 -20.59 -8.60 -12.70
N LEU A 238 -19.27 -8.66 -12.50
CA LEU A 238 -18.68 -9.62 -11.56
C LEU A 238 -18.65 -9.05 -10.13
N LEU A 239 -19.01 -7.78 -9.99
CA LEU A 239 -19.04 -7.16 -8.68
C LEU A 239 -20.24 -7.64 -7.88
N GLY A 240 -20.24 -7.39 -6.59
CA GLY A 240 -21.39 -7.73 -5.74
C GLY A 240 -21.54 -9.14 -5.19
N LYS A 241 -20.52 -9.98 -5.32
CA LYS A 241 -20.65 -11.35 -4.74
C LYS A 241 -19.43 -11.72 -3.88
N ALA A 242 -18.72 -10.72 -3.39
CA ALA A 242 -17.57 -10.99 -2.55
C ALA A 242 -18.02 -11.79 -1.34
N HIS A 243 -17.15 -12.67 -0.89
CA HIS A 243 -17.40 -13.44 0.29
C HIS A 243 -17.64 -12.43 1.41
N GLU A 244 -18.63 -12.73 2.23
CA GLU A 244 -19.05 -11.91 3.35
C GLU A 244 -17.88 -11.53 4.31
N SER A 245 -16.87 -12.40 4.39
CA SER A 245 -15.68 -12.21 5.22
C SER A 245 -14.44 -11.65 4.47
N CYS A 246 -14.62 -11.24 3.23
CA CYS A 246 -13.52 -10.63 2.51
C CYS A 246 -13.19 -9.33 3.23
N PRO A 247 -11.92 -9.08 3.53
CA PRO A 247 -11.63 -7.80 4.16
C PRO A 247 -12.03 -6.65 3.20
N SER A 248 -12.53 -5.56 3.78
CA SER A 248 -12.97 -4.41 2.99
C SER A 248 -11.91 -3.87 2.03
N ILE A 249 -10.64 -3.85 2.47
CA ILE A 249 -9.53 -3.39 1.60
C ILE A 249 -9.30 -4.26 0.36
N LEU A 250 -9.84 -5.48 0.37
CA LEU A 250 -9.75 -6.39 -0.78
C LEU A 250 -11.05 -6.59 -1.52
N ASP A 251 -12.11 -5.96 -1.05
CA ASP A 251 -13.43 -6.13 -1.62
C ASP A 251 -13.56 -5.17 -2.82
N TYR A 252 -13.72 -5.72 -4.02
CA TYR A 252 -13.85 -4.86 -5.19
C TYR A 252 -15.09 -3.99 -5.16
N THR A 253 -16.17 -4.48 -4.56
CA THR A 253 -17.44 -3.77 -4.53
C THR A 253 -17.39 -2.55 -3.63
N VAL A 254 -16.76 -2.69 -2.47
CA VAL A 254 -16.59 -1.61 -1.49
C VAL A 254 -15.61 -0.55 -1.99
N LEU A 255 -14.47 -0.98 -2.51
CA LEU A 255 -13.48 -0.05 -3.05
C LEU A 255 -14.13 0.81 -4.15
N ASN A 256 -14.89 0.17 -5.03
CA ASN A 256 -15.60 0.85 -6.13
C ASN A 256 -16.62 1.89 -5.60
N ASP A 257 -17.37 1.54 -4.55
CA ASP A 257 -18.39 2.44 -3.94
C ASP A 257 -17.78 3.73 -3.42
N ASN A 258 -16.70 3.62 -2.65
CA ASN A 258 -15.99 4.80 -2.11
C ASN A 258 -14.51 4.78 -2.47
N PRO A 266 -5.05 9.81 -1.56
CA PRO A 266 -4.20 9.29 -2.62
C PRO A 266 -2.71 9.29 -2.25
N THR A 267 -2.01 8.25 -2.70
CA THR A 267 -0.58 8.06 -2.43
C THR A 267 0.30 8.98 -3.28
N PHE A 268 1.59 8.70 -3.28
CA PHE A 268 2.54 9.43 -4.08
C PHE A 268 2.78 8.56 -5.32
N ALA A 269 2.78 7.24 -5.11
CA ALA A 269 2.95 6.28 -6.20
C ALA A 269 1.83 6.49 -7.23
N TRP A 270 0.78 7.16 -6.78
CA TRP A 270 -0.38 7.48 -7.59
C TRP A 270 0.02 8.60 -8.55
N TYR A 271 0.76 9.59 -8.03
CA TYR A 271 1.25 10.71 -8.83
C TYR A 271 2.30 10.26 -9.85
N LEU A 272 3.23 9.41 -9.41
CA LEU A 272 4.29 8.89 -10.30
C LEU A 272 3.69 8.15 -11.48
N SER A 273 2.71 7.29 -11.21
CA SER A 273 2.02 6.52 -12.23
C SER A 273 1.41 7.45 -13.25
N GLY A 274 0.84 8.56 -12.78
CA GLY A 274 0.24 9.56 -13.66
C GLY A 274 1.29 10.08 -14.65
N LEU A 275 2.48 10.38 -14.14
CA LEU A 275 3.58 10.84 -14.99
C LEU A 275 3.93 9.75 -16.01
N VAL A 276 4.07 8.51 -15.53
CA VAL A 276 4.38 7.38 -16.40
C VAL A 276 3.28 7.23 -17.49
N PHE A 277 2.01 7.36 -17.13
CA PHE A 277 0.97 7.24 -18.14
C PHE A 277 1.09 8.38 -19.17
N LYS A 278 1.37 9.61 -18.72
CA LYS A 278 1.56 10.73 -19.64
C LYS A 278 2.77 10.49 -20.53
N TRP A 279 3.85 10.00 -19.93
CA TRP A 279 5.06 9.70 -20.68
C TRP A 279 4.74 8.70 -21.80
N LEU A 280 4.01 7.63 -21.45
CA LEU A 280 3.64 6.60 -22.44
C LEU A 280 2.83 7.18 -23.61
N LYS A 281 1.86 8.02 -23.29
CA LYS A 281 1.06 8.65 -24.33
C LYS A 281 1.93 9.51 -25.25
N ALA A 282 2.90 10.21 -24.68
CA ALA A 282 3.80 11.05 -25.46
C ALA A 282 4.72 10.21 -26.36
N GLN A 283 4.91 8.93 -26.04
CA GLN A 283 5.76 8.08 -26.87
C GLN A 283 4.98 7.48 -28.03
N GLY A 284 3.66 7.64 -28.02
CA GLY A 284 2.84 7.04 -29.05
C GLY A 284 2.03 5.88 -28.48
N GLY A 285 1.97 5.79 -27.17
CA GLY A 285 1.18 4.77 -26.53
C GLY A 285 1.71 3.37 -26.61
N VAL A 286 0.84 2.46 -26.21
CA VAL A 286 1.13 1.06 -26.14
C VAL A 286 1.62 0.43 -27.42
N ALA A 287 1.15 0.90 -28.56
CA ALA A 287 1.58 0.35 -29.85
C ALA A 287 3.03 0.71 -30.07
N ALA A 288 3.38 1.94 -29.73
CA ALA A 288 4.78 2.38 -29.86
C ALA A 288 5.64 1.56 -28.91
N MET A 289 5.20 1.47 -27.66
CA MET A 289 5.98 0.77 -26.64
C MET A 289 6.24 -0.70 -27.04
N HIS A 290 5.23 -1.32 -27.64
CA HIS A 290 5.33 -2.69 -28.10
C HIS A 290 6.45 -2.82 -29.13
N LYS A 291 6.45 -1.90 -30.10
CA LYS A 291 7.44 -1.89 -31.16
C LYS A 291 8.87 -1.78 -30.60
N ILE A 292 9.07 -0.85 -29.67
CA ILE A 292 10.38 -0.68 -29.04
C ILE A 292 10.80 -1.91 -28.22
N ASN A 293 9.85 -2.53 -27.51
CA ASN A 293 10.18 -3.72 -26.72
C ASN A 293 10.55 -4.89 -27.59
N GLN A 294 9.88 -5.00 -28.73
CA GLN A 294 10.15 -6.07 -29.67
C GLN A 294 11.61 -6.02 -30.10
N GLN A 295 12.05 -4.82 -30.49
CA GLN A 295 13.43 -4.59 -30.91
C GLN A 295 14.44 -4.88 -29.77
N LYS A 296 14.13 -4.42 -28.56
CA LYS A 296 15.00 -4.70 -27.39
C LYS A 296 15.11 -6.19 -27.15
N ALA A 297 14.00 -6.88 -27.29
CA ALA A 297 14.01 -8.32 -27.08
C ALA A 297 14.82 -9.00 -28.19
N GLU A 298 14.56 -8.63 -29.45
CA GLU A 298 15.30 -9.22 -30.59
C GLU A 298 16.81 -9.10 -30.46
N LEU A 299 17.26 -8.00 -29.90
CA LEU A 299 18.68 -7.74 -29.69
C LEU A 299 19.23 -8.62 -28.58
N LEU A 300 18.53 -8.74 -27.47
CA LEU A 300 19.06 -9.56 -26.38
C LEU A 300 19.03 -11.04 -26.76
N TYR A 301 17.88 -11.54 -27.22
CA TYR A 301 17.78 -12.94 -27.63
C TYR A 301 18.73 -13.23 -28.79
N GLY A 302 18.84 -12.29 -29.73
CA GLY A 302 19.72 -12.46 -30.88
C GLY A 302 21.14 -12.73 -30.44
N VAL A 303 21.65 -11.91 -29.53
CA VAL A 303 23.00 -12.08 -29.05
C VAL A 303 23.15 -13.38 -28.27
N ILE A 304 22.13 -13.74 -27.50
CA ILE A 304 22.19 -14.97 -26.74
C ILE A 304 22.18 -16.19 -27.69
N ASP A 305 21.30 -16.18 -28.69
CA ASP A 305 21.21 -17.29 -29.64
C ASP A 305 22.43 -17.45 -30.55
N ASN A 306 23.09 -16.36 -30.90
CA ASN A 306 24.20 -16.44 -31.81
C ASN A 306 25.51 -16.88 -31.11
N SER A 307 25.46 -17.02 -29.79
CA SER A 307 26.59 -17.43 -29.01
C SER A 307 26.41 -18.81 -28.42
N ASP A 308 27.48 -19.59 -28.40
CA ASP A 308 27.45 -20.94 -27.80
C ASP A 308 27.80 -20.74 -26.33
N PHE A 309 28.27 -19.53 -26.01
CA PHE A 309 28.71 -19.16 -24.68
C PHE A 309 27.53 -18.88 -23.74
N TYR A 310 26.45 -18.29 -24.29
CA TYR A 310 25.24 -17.97 -23.51
C TYR A 310 24.09 -18.88 -23.97
N ARG A 311 23.26 -19.31 -23.02
CA ARG A 311 22.17 -20.23 -23.31
C ARG A 311 20.85 -19.76 -22.72
N ASN A 312 19.75 -19.97 -23.46
CA ASN A 312 18.38 -19.69 -22.99
C ASN A 312 17.56 -20.86 -23.46
N ASP A 313 16.86 -21.52 -22.52
CA ASP A 313 16.11 -22.74 -22.85
C ASP A 313 14.59 -22.59 -22.94
N VAL A 314 14.11 -21.45 -23.41
CA VAL A 314 12.67 -21.23 -23.54
C VAL A 314 12.29 -21.18 -25.02
N ALA A 315 11.30 -21.99 -25.39
CA ALA A 315 10.82 -22.05 -26.78
C ALA A 315 10.50 -20.66 -27.28
N GLN A 316 10.81 -20.42 -28.55
CA GLN A 316 10.58 -19.13 -29.18
C GLN A 316 9.19 -18.53 -28.93
N ALA A 317 8.14 -19.32 -29.09
CA ALA A 317 6.77 -18.83 -28.94
C ALA A 317 6.43 -18.34 -27.52
N ASN A 318 7.13 -18.85 -26.51
CA ASN A 318 6.87 -18.47 -25.14
C ASN A 318 7.97 -17.65 -24.51
N ARG A 319 8.79 -17.02 -25.34
CA ARG A 319 9.83 -16.15 -24.80
C ARG A 319 9.26 -14.83 -24.34
N SER A 320 9.53 -14.49 -23.08
CA SER A 320 9.10 -13.23 -22.51
C SER A 320 9.94 -12.11 -23.13
N ARG A 321 9.28 -10.98 -23.42
CA ARG A 321 9.93 -9.79 -23.96
C ARG A 321 10.41 -8.91 -22.82
N MET A 322 10.00 -9.24 -21.61
CA MET A 322 10.31 -8.43 -20.44
C MET A 322 11.33 -9.03 -19.50
N ASN A 323 11.33 -10.34 -19.35
CA ASN A 323 12.24 -11.02 -18.44
C ASN A 323 13.01 -12.07 -19.20
N VAL A 324 14.33 -11.85 -19.33
CA VAL A 324 15.18 -12.72 -20.12
C VAL A 324 16.25 -13.44 -19.31
N PRO A 325 15.96 -14.69 -18.93
CA PRO A 325 16.91 -15.47 -18.20
C PRO A 325 17.94 -16.11 -19.12
N PHE A 326 19.16 -16.29 -18.65
CA PHE A 326 20.16 -16.99 -19.44
C PHE A 326 21.22 -17.57 -18.54
N GLN A 327 21.87 -18.62 -19.03
CA GLN A 327 22.94 -19.30 -18.34
C GLN A 327 24.22 -19.16 -19.16
N LEU A 328 25.35 -19.35 -18.50
CA LEU A 328 26.62 -19.36 -19.22
C LEU A 328 26.89 -20.84 -19.43
N ALA A 329 27.40 -21.19 -20.60
CA ALA A 329 27.77 -22.57 -20.91
C ALA A 329 28.63 -23.12 -19.76
N ASP A 330 29.66 -22.36 -19.38
CA ASP A 330 30.57 -22.72 -18.26
C ASP A 330 30.08 -21.90 -17.06
N ASN A 331 29.18 -22.48 -16.25
CA ASN A 331 28.61 -21.70 -15.14
C ASN A 331 29.56 -21.38 -14.01
N THR A 332 30.77 -21.92 -14.03
CA THR A 332 31.74 -21.59 -12.98
C THR A 332 32.12 -20.11 -13.06
N LEU A 333 31.94 -19.50 -14.24
CA LEU A 333 32.23 -18.09 -14.46
C LEU A 333 31.11 -17.13 -13.98
N ASP A 334 30.07 -17.66 -13.31
CA ASP A 334 28.97 -16.81 -12.84
C ASP A 334 29.40 -15.65 -11.93
N LYS A 335 30.28 -15.93 -10.96
CA LYS A 335 30.77 -14.88 -10.05
C LYS A 335 31.43 -13.73 -10.78
N VAL A 336 32.32 -14.06 -11.71
CA VAL A 336 33.04 -13.03 -12.48
C VAL A 336 32.10 -12.22 -13.38
N PHE A 337 31.11 -12.88 -13.98
CA PHE A 337 30.17 -12.16 -14.84
C PHE A 337 29.42 -11.10 -14.01
N LEU A 338 29.05 -11.47 -12.79
CA LEU A 338 28.34 -10.54 -11.90
C LEU A 338 29.23 -9.38 -11.43
N GLU A 339 30.47 -9.66 -11.06
CA GLU A 339 31.38 -8.61 -10.59
C GLU A 339 31.75 -7.63 -11.70
N GLU A 340 32.01 -8.13 -12.90
CA GLU A 340 32.41 -7.27 -14.01
C GLU A 340 31.24 -6.48 -14.57
N SER A 341 30.07 -7.10 -14.65
CA SER A 341 28.91 -6.38 -15.19
C SER A 341 28.48 -5.31 -14.20
N PHE A 342 28.46 -5.67 -12.91
CA PHE A 342 28.13 -4.68 -11.87
C PHE A 342 29.13 -3.52 -12.02
N ALA A 343 30.43 -3.84 -12.12
CA ALA A 343 31.45 -2.80 -12.27
C ALA A 343 31.27 -1.97 -13.56
N ALA A 344 30.70 -2.57 -14.61
CA ALA A 344 30.48 -1.88 -15.88
C ALA A 344 29.20 -1.06 -15.89
N GLY A 345 28.52 -0.99 -14.75
CA GLY A 345 27.28 -0.23 -14.64
C GLY A 345 26.02 -1.00 -15.02
N LEU A 346 26.12 -2.32 -15.08
CA LEU A 346 24.98 -3.18 -15.44
C LEU A 346 24.53 -3.87 -14.15
N HIS A 347 23.50 -3.32 -13.50
CA HIS A 347 23.07 -3.83 -12.21
C HIS A 347 21.92 -4.83 -12.14
N ALA A 348 21.98 -5.63 -11.08
CA ALA A 348 20.98 -6.62 -10.72
C ALA A 348 20.62 -7.60 -11.83
N LEU A 349 21.61 -8.40 -12.23
CA LEU A 349 21.47 -9.39 -13.28
C LEU A 349 21.46 -10.83 -12.75
N LYS A 350 21.66 -10.99 -11.44
CA LYS A 350 21.69 -12.32 -10.85
C LYS A 350 20.33 -13.03 -10.99
N GLY A 351 20.32 -14.22 -11.58
CA GLY A 351 19.08 -15.00 -11.71
C GLY A 351 18.60 -15.39 -10.31
N HIS A 352 17.30 -15.59 -10.15
CA HIS A 352 16.70 -15.93 -8.86
C HIS A 352 17.35 -17.18 -8.26
N ARG A 353 17.52 -17.13 -6.94
CA ARG A 353 18.14 -18.22 -6.17
C ARG A 353 17.79 -19.64 -6.66
N VAL A 354 16.51 -19.89 -6.92
CA VAL A 354 16.08 -21.21 -7.38
C VAL A 354 16.79 -21.61 -8.68
N VAL A 355 16.36 -21.00 -9.78
CA VAL A 355 16.91 -21.29 -11.10
C VAL A 355 18.43 -21.06 -11.27
N GLY A 356 19.01 -20.13 -10.51
CA GLY A 356 20.44 -19.82 -10.65
C GLY A 356 20.66 -19.10 -11.99
N GLY A 357 21.92 -18.87 -12.36
CA GLY A 357 22.24 -18.21 -13.62
C GLY A 357 22.02 -16.72 -13.63
N MET A 358 21.69 -16.18 -14.81
CA MET A 358 21.49 -14.74 -14.98
C MET A 358 20.07 -14.38 -15.46
N ARG A 359 19.63 -13.18 -15.14
CA ARG A 359 18.33 -12.71 -15.58
C ARG A 359 18.31 -11.21 -15.79
N ALA A 360 17.93 -10.79 -17.00
CA ALA A 360 17.84 -9.37 -17.34
C ALA A 360 16.38 -8.98 -17.58
N SER A 361 15.88 -8.06 -16.78
CA SER A 361 14.53 -7.54 -16.98
C SER A 361 14.66 -6.29 -17.81
N ILE A 362 13.87 -6.21 -18.86
CA ILE A 362 13.89 -5.07 -19.78
C ILE A 362 12.49 -4.49 -20.01
N TYR A 363 11.97 -3.86 -18.96
CA TYR A 363 10.66 -3.23 -18.97
C TYR A 363 10.57 -1.97 -19.85
N ASN A 364 9.39 -1.38 -19.91
CA ASN A 364 9.18 -0.17 -20.72
C ASN A 364 10.23 0.92 -20.43
N ALA A 365 10.55 1.10 -19.15
CA ALA A 365 11.51 2.13 -18.71
C ALA A 365 12.93 1.87 -19.21
N MET A 366 13.28 0.61 -19.42
CA MET A 366 14.62 0.26 -19.92
C MET A 366 14.78 0.66 -21.40
N PRO A 367 15.63 1.66 -21.69
CA PRO A 367 15.82 2.09 -23.07
C PRO A 367 16.65 1.08 -23.87
N ILE A 368 16.64 1.21 -25.19
CA ILE A 368 17.38 0.26 -26.01
C ILE A 368 18.91 0.42 -25.79
N GLU A 369 19.34 1.63 -25.41
CA GLU A 369 20.75 1.88 -25.11
C GLU A 369 21.21 1.01 -23.92
N GLY A 370 20.31 0.76 -22.98
CA GLY A 370 20.61 -0.11 -21.84
C GLY A 370 20.77 -1.55 -22.31
N VAL A 371 19.84 -2.04 -23.13
CA VAL A 371 19.96 -3.39 -23.64
C VAL A 371 21.27 -3.55 -24.45
N LYS A 372 21.59 -2.53 -25.26
CA LYS A 372 22.79 -2.50 -26.08
C LYS A 372 24.10 -2.51 -25.24
N ALA A 373 24.09 -1.81 -24.11
CA ALA A 373 25.27 -1.80 -23.24
C ALA A 373 25.43 -3.19 -22.63
N LEU A 374 24.32 -3.83 -22.30
CA LEU A 374 24.35 -5.18 -21.75
C LEU A 374 24.91 -6.16 -22.79
N THR A 375 24.43 -6.06 -24.03
CA THR A 375 24.90 -6.96 -25.07
C THR A 375 26.34 -6.68 -25.42
N ASP A 376 26.73 -5.41 -25.56
CA ASP A 376 28.13 -5.10 -25.82
C ASP A 376 28.97 -5.72 -24.70
N PHE A 377 28.47 -5.67 -23.47
CA PHE A 377 29.23 -6.27 -22.36
C PHE A 377 29.29 -7.78 -22.48
N MET A 378 28.18 -8.41 -22.84
CA MET A 378 28.17 -9.85 -22.98
C MET A 378 29.14 -10.30 -24.06
N ILE A 379 29.17 -9.57 -25.17
CA ILE A 379 30.08 -9.88 -26.27
C ILE A 379 31.53 -9.72 -25.84
N ASP A 380 31.86 -8.63 -25.16
CA ASP A 380 33.24 -8.43 -24.73
C ASP A 380 33.63 -9.47 -23.67
N PHE A 381 32.67 -9.91 -22.85
CA PHE A 381 32.96 -10.88 -21.82
C PHE A 381 33.30 -12.23 -22.45
N GLU A 382 32.60 -12.58 -23.53
CA GLU A 382 32.88 -13.84 -24.25
C GLU A 382 34.24 -13.76 -24.93
N ARG A 383 34.56 -12.60 -25.48
CA ARG A 383 35.88 -12.39 -26.11
C ARG A 383 36.99 -12.67 -25.10
N ARG A 384 36.82 -12.18 -23.88
CA ARG A 384 37.81 -12.32 -22.82
C ARG A 384 37.75 -13.60 -22.00
N HIS A 385 36.63 -14.32 -22.03
CA HIS A 385 36.54 -15.55 -21.23
C HIS A 385 36.18 -16.79 -22.01
N GLY A 386 35.87 -16.63 -23.29
CA GLY A 386 35.49 -17.77 -24.12
C GLY A 386 36.69 -18.50 -24.67
N GLN B 27 2.04 32.72 3.83
CA GLN B 27 2.43 31.32 3.53
C GLN B 27 1.23 30.39 3.78
N VAL B 28 1.26 29.20 3.17
CA VAL B 28 0.16 28.25 3.28
C VAL B 28 0.36 27.15 4.34
N PHE B 29 -0.67 26.94 5.16
CA PHE B 29 -0.68 25.92 6.21
C PHE B 29 -1.87 25.02 5.96
N ASN B 30 -1.65 23.71 5.91
CA ASN B 30 -2.74 22.76 5.65
C ASN B 30 -3.11 21.97 6.91
N PHE B 31 -4.30 22.23 7.43
CA PHE B 31 -4.80 21.60 8.66
C PHE B 31 -5.65 20.35 8.44
N SER B 32 -5.38 19.66 7.34
CA SER B 32 -6.12 18.45 6.95
C SER B 32 -5.78 17.31 7.89
N SER B 33 -6.77 16.47 8.20
CA SER B 33 -6.57 15.32 9.10
C SER B 33 -5.84 14.19 8.40
N GLY B 34 -6.08 14.06 7.10
CA GLY B 34 -5.46 13.02 6.25
C GLY B 34 -5.91 13.17 4.80
N PRO B 35 -4.95 13.25 3.84
CA PRO B 35 -3.49 13.19 4.07
C PRO B 35 -2.98 14.45 4.77
N ALA B 36 -2.12 14.25 5.76
CA ALA B 36 -1.56 15.36 6.52
C ALA B 36 -0.24 15.84 5.94
N MET B 37 0.12 17.06 6.34
CA MET B 37 1.34 17.77 5.93
C MET B 37 2.65 17.01 6.26
N LEU B 38 3.71 17.34 5.53
CA LEU B 38 5.06 16.76 5.74
C LEU B 38 5.95 17.84 6.36
N PRO B 39 6.78 17.48 7.37
CA PRO B 39 7.64 18.48 8.00
C PRO B 39 8.43 19.30 7.00
N ALA B 40 8.53 20.61 7.28
CA ALA B 40 9.23 21.56 6.43
C ALA B 40 10.62 21.09 6.03
N GLU B 41 11.36 20.49 6.97
CA GLU B 41 12.72 20.00 6.69
C GLU B 41 12.76 18.71 5.86
N VAL B 42 11.96 17.71 6.23
CA VAL B 42 11.89 16.45 5.49
C VAL B 42 11.76 16.75 3.98
N LEU B 43 10.88 17.69 3.64
CA LEU B 43 10.69 18.12 2.25
C LEU B 43 11.99 18.66 1.69
N LYS B 44 12.58 19.59 2.43
CA LYS B 44 13.85 20.22 2.02
C LYS B 44 14.94 19.18 1.86
N LEU B 45 15.09 18.32 2.86
CA LEU B 45 16.09 17.26 2.80
C LEU B 45 15.81 16.44 1.54
N ALA B 46 14.52 16.09 1.36
CA ALA B 46 14.06 15.35 0.19
C ALA B 46 14.47 16.09 -1.10
N GLN B 47 14.34 17.42 -1.08
CA GLN B 47 14.71 18.26 -2.23
C GLN B 47 16.22 18.28 -2.57
N GLN B 48 17.07 18.39 -1.56
CA GLN B 48 18.54 18.45 -1.78
C GLN B 48 19.20 17.09 -2.05
N GLU B 49 18.61 16.01 -1.55
CA GLU B 49 19.16 14.67 -1.79
C GLU B 49 18.58 14.04 -3.08
N LEU B 50 17.93 14.87 -3.90
CA LEU B 50 17.34 14.43 -5.17
C LEU B 50 17.30 15.59 -6.18
N VAL B 73 17.41 5.55 5.01
CA VAL B 73 17.54 4.84 3.74
C VAL B 73 16.63 3.59 3.73
N ALA B 74 17.23 2.41 3.91
CA ALA B 74 16.49 1.16 3.88
C ALA B 74 16.05 0.68 5.26
N GLU B 75 16.83 -0.26 5.79
CA GLU B 75 16.59 -0.94 7.08
C GLU B 75 16.63 0.00 8.28
N GLU B 76 17.37 1.11 8.16
CA GLU B 76 17.51 2.09 9.26
C GLU B 76 16.18 2.62 9.78
N ALA B 77 15.22 2.79 8.89
CA ALA B 77 13.90 3.31 9.24
C ALA B 77 13.32 2.53 10.41
N GLU B 78 13.27 1.21 10.29
CA GLU B 78 12.71 0.40 11.37
C GLU B 78 13.48 0.58 12.68
N GLN B 79 14.81 0.61 12.61
CA GLN B 79 15.61 0.76 13.82
C GLN B 79 15.35 2.11 14.47
N ASP B 80 15.26 3.14 13.64
CA ASP B 80 14.98 4.47 14.13
C ASP B 80 13.61 4.52 14.81
N PHE B 81 12.62 3.83 14.25
CA PHE B 81 11.28 3.77 14.82
C PHE B 81 11.33 3.08 16.18
N ARG B 82 12.09 1.99 16.28
CA ARG B 82 12.24 1.28 17.54
C ARG B 82 12.92 2.17 18.56
N ASP B 83 13.95 2.89 18.14
CA ASP B 83 14.69 3.80 19.04
C ASP B 83 13.79 4.93 19.54
N LEU B 84 13.04 5.56 18.63
CA LEU B 84 12.13 6.69 18.98
C LEU B 84 11.13 6.35 20.08
N LEU B 85 10.52 5.19 19.96
CA LEU B 85 9.54 4.75 20.92
C LEU B 85 10.04 3.81 22.00
N ASN B 86 11.33 3.44 21.96
N ASN B 86 11.32 3.43 21.96
CA ASN B 86 11.89 2.49 22.92
CA ASN B 86 11.89 2.49 22.93
C ASN B 86 11.10 1.19 22.90
C ASN B 86 11.12 1.18 22.90
N ILE B 87 11.01 0.59 21.72
CA ILE B 87 10.29 -0.66 21.54
C ILE B 87 11.12 -1.86 22.05
N PRO B 88 10.55 -2.66 22.97
CA PRO B 88 11.33 -3.78 23.48
C PRO B 88 11.58 -4.82 22.41
N SER B 89 12.67 -5.55 22.58
CA SER B 89 13.06 -6.57 21.65
C SER B 89 12.06 -7.72 21.52
N ASN B 90 11.11 -7.86 22.45
CA ASN B 90 10.12 -8.90 22.32
C ASN B 90 8.92 -8.47 21.44
N TYR B 91 9.07 -7.34 20.76
CA TYR B 91 8.06 -6.85 19.84
C TYR B 91 8.58 -6.83 18.41
N LYS B 92 7.79 -7.35 17.50
CA LYS B 92 8.09 -7.34 16.09
C LYS B 92 7.47 -6.07 15.52
N VAL B 93 8.15 -5.47 14.54
CA VAL B 93 7.67 -4.27 13.86
C VAL B 93 7.51 -4.56 12.38
N LEU B 94 6.30 -4.46 11.88
CA LEU B 94 6.02 -4.71 10.50
C LEU B 94 5.68 -3.43 9.76
N PHE B 95 6.22 -3.30 8.55
CA PHE B 95 5.95 -2.18 7.66
C PHE B 95 5.24 -2.75 6.47
N CYS B 96 3.95 -2.48 6.35
CA CYS B 96 3.19 -2.99 5.24
C CYS B 96 2.49 -1.87 4.44
N HIS B 97 2.16 -2.19 3.19
CA HIS B 97 1.48 -1.24 2.32
C HIS B 97 0.02 -1.18 2.69
N GLY B 98 -0.62 -0.05 2.39
CA GLY B 98 -2.03 0.14 2.71
C GLY B 98 -2.22 1.07 3.89
N GLY B 99 -3.46 1.53 4.07
CA GLY B 99 -3.78 2.41 5.16
C GLY B 99 -4.07 1.59 6.39
N GLY B 100 -4.35 2.28 7.48
CA GLY B 100 -4.67 1.64 8.74
C GLY B 100 -5.92 0.79 8.72
N ARG B 101 -6.90 1.13 7.86
CA ARG B 101 -8.17 0.36 7.73
C ARG B 101 -7.93 -1.11 7.59
N GLY B 102 -6.85 -1.48 6.93
CA GLY B 102 -6.53 -2.89 6.75
C GLY B 102 -6.51 -3.69 8.06
N GLN B 103 -5.99 -3.08 9.12
CA GLN B 103 -5.87 -3.74 10.43
C GLN B 103 -7.20 -3.93 11.13
N PHE B 104 -8.26 -3.28 10.62
CA PHE B 104 -9.58 -3.54 11.21
C PHE B 104 -9.88 -5.01 10.95
N ALA B 105 -9.32 -5.53 9.85
CA ALA B 105 -9.49 -6.96 9.55
C ALA B 105 -8.29 -7.76 10.11
N GLY B 106 -7.09 -7.18 9.93
CA GLY B 106 -5.83 -7.77 10.38
C GLY B 106 -5.78 -8.21 11.83
N VAL B 107 -6.29 -7.38 12.72
CA VAL B 107 -6.30 -7.72 14.15
C VAL B 107 -7.14 -8.98 14.41
N PRO B 108 -8.42 -9.00 14.01
CA PRO B 108 -9.16 -10.24 14.27
C PRO B 108 -8.61 -11.44 13.55
N LEU B 109 -8.16 -11.27 12.32
CA LEU B 109 -7.58 -12.37 11.56
C LEU B 109 -6.33 -12.98 12.21
N ASN B 110 -5.55 -12.20 12.93
CA ASN B 110 -4.33 -12.72 13.57
C ASN B 110 -4.47 -13.10 15.01
N LEU B 111 -5.38 -12.44 15.73
CA LEU B 111 -5.49 -12.64 17.19
C LEU B 111 -6.73 -13.34 17.76
N LEU B 112 -7.72 -13.66 16.96
CA LEU B 112 -8.86 -14.34 17.55
C LEU B 112 -8.49 -15.73 18.00
N GLY B 113 -7.68 -16.42 17.18
CA GLY B 113 -7.30 -17.78 17.44
C GLY B 113 -8.56 -18.61 17.28
N ASP B 114 -8.80 -19.52 18.20
CA ASP B 114 -10.02 -20.33 18.20
C ASP B 114 -11.16 -19.61 18.94
N LYS B 115 -10.90 -18.42 19.51
CA LYS B 115 -11.93 -17.68 20.20
C LYS B 115 -12.88 -16.98 19.21
N THR B 116 -14.09 -16.68 19.67
CA THR B 116 -15.09 -16.08 18.81
C THR B 116 -15.61 -14.69 19.24
N THR B 117 -15.06 -14.15 20.33
CA THR B 117 -15.41 -12.82 20.85
C THR B 117 -14.14 -12.00 21.15
N ALA B 118 -14.31 -10.69 21.17
CA ALA B 118 -13.25 -9.76 21.45
C ALA B 118 -13.95 -8.50 21.95
N ASP B 119 -13.32 -7.75 22.86
CA ASP B 119 -13.88 -6.54 23.46
C ASP B 119 -13.46 -5.33 22.63
N TYR B 120 -14.44 -4.50 22.25
CA TYR B 120 -14.22 -3.28 21.46
C TYR B 120 -14.80 -2.06 22.14
N VAL B 121 -13.98 -1.02 22.30
CA VAL B 121 -14.44 0.19 22.91
C VAL B 121 -14.95 1.11 21.83
N ASP B 122 -16.17 1.62 22.02
CA ASP B 122 -16.71 2.58 21.09
C ASP B 122 -16.81 3.95 21.73
N ALA B 123 -15.99 4.87 21.23
CA ALA B 123 -15.95 6.26 21.71
C ALA B 123 -15.83 7.21 20.51
N GLY B 124 -16.30 6.77 19.35
CA GLY B 124 -16.21 7.58 18.16
C GLY B 124 -16.18 6.78 16.87
N TYR B 125 -16.12 7.53 15.80
CA TYR B 125 -16.20 7.05 14.44
C TYR B 125 -15.27 5.91 14.04
N TRP B 126 -13.97 6.08 14.26
CA TRP B 126 -13.01 5.05 13.88
C TRP B 126 -13.17 3.79 14.70
N ALA B 127 -13.47 3.96 15.97
CA ALA B 127 -13.72 2.82 16.86
C ALA B 127 -14.92 2.05 16.34
N ALA B 128 -15.96 2.76 15.93
CA ALA B 128 -17.20 2.14 15.40
C ALA B 128 -16.95 1.45 14.05
N SER B 129 -16.03 2.01 13.26
CA SER B 129 -15.65 1.38 11.98
C SER B 129 -14.95 0.06 12.23
N ALA B 130 -14.00 0.07 13.17
CA ALA B 130 -13.28 -1.13 13.56
C ALA B 130 -14.26 -2.23 13.96
N ILE B 131 -15.31 -1.84 14.67
CA ILE B 131 -16.35 -2.76 15.12
C ILE B 131 -17.13 -3.34 13.97
N LYS B 132 -17.56 -2.49 13.04
CA LYS B 132 -18.31 -2.96 11.89
C LYS B 132 -17.47 -3.99 11.11
N GLU B 133 -16.19 -3.71 10.91
CA GLU B 133 -15.32 -4.65 10.20
C GLU B 133 -15.14 -5.94 11.04
N ALA B 134 -14.99 -5.83 12.36
CA ALA B 134 -14.82 -7.04 13.20
C ALA B 134 -15.98 -8.03 13.11
N LYS B 135 -17.19 -7.55 12.85
CA LYS B 135 -18.39 -8.45 12.73
C LYS B 135 -18.25 -9.49 11.65
N LYS B 136 -17.33 -9.27 10.71
CA LYS B 136 -17.08 -10.24 9.66
C LYS B 136 -16.37 -11.48 10.24
N TYR B 137 -15.65 -11.30 11.36
CA TYR B 137 -14.81 -12.33 11.94
C TYR B 137 -15.14 -12.86 13.34
N CYS B 138 -15.93 -12.10 14.11
CA CYS B 138 -16.33 -12.50 15.45
C CYS B 138 -17.58 -11.73 15.83
N ALA B 139 -18.02 -11.91 17.07
CA ALA B 139 -19.17 -11.20 17.65
C ALA B 139 -18.53 -10.23 18.64
N PRO B 140 -18.27 -8.99 18.25
CA PRO B 140 -17.62 -8.12 19.22
C PRO B 140 -18.49 -7.70 20.41
N GLN B 141 -17.86 -7.62 21.57
CA GLN B 141 -18.51 -7.23 22.80
C GLN B 141 -18.19 -5.74 22.89
N ILE B 142 -19.22 -4.95 22.66
CA ILE B 142 -19.11 -3.54 22.59
C ILE B 142 -19.22 -2.86 23.92
N ILE B 143 -18.17 -2.13 24.25
CA ILE B 143 -18.10 -1.36 25.47
C ILE B 143 -18.36 0.09 25.12
N ASP B 144 -19.58 0.56 25.44
CA ASP B 144 -19.96 1.94 25.18
C ASP B 144 -19.32 2.83 26.24
N ALA B 145 -18.24 3.51 25.87
CA ALA B 145 -17.50 4.33 26.85
C ALA B 145 -17.85 5.82 26.82
N LYS B 146 -18.81 6.19 25.96
CA LYS B 146 -19.23 7.59 25.84
C LYS B 146 -20.04 8.01 27.04
N ILE B 147 -19.63 9.14 27.62
CA ILE B 147 -20.32 9.74 28.76
C ILE B 147 -20.26 11.25 28.64
N THR B 148 -21.04 11.93 29.46
CA THR B 148 -21.08 13.37 29.51
C THR B 148 -20.46 13.78 30.82
N VAL B 149 -19.49 14.69 30.77
CA VAL B 149 -18.86 15.19 31.99
C VAL B 149 -18.89 16.70 31.92
N ASP B 150 -19.53 17.35 32.88
CA ASP B 150 -19.64 18.83 32.91
C ASP B 150 -20.33 19.34 31.65
N GLY B 151 -21.31 18.59 31.17
CA GLY B 151 -22.03 18.95 29.98
C GLY B 151 -21.28 18.65 28.69
N LYS B 152 -20.06 18.15 28.74
CA LYS B 152 -19.31 17.88 27.50
C LYS B 152 -19.03 16.40 27.22
N ARG B 153 -18.60 16.12 25.99
CA ARG B 153 -18.32 14.75 25.59
C ARG B 153 -17.05 14.25 26.26
N ALA B 154 -17.14 13.05 26.82
CA ALA B 154 -16.03 12.47 27.53
C ALA B 154 -16.04 10.99 27.34
N VAL B 155 -15.03 10.32 27.89
CA VAL B 155 -14.91 8.88 27.79
C VAL B 155 -14.67 8.26 29.16
N LYS B 156 -15.37 7.17 29.48
CA LYS B 156 -15.16 6.47 30.77
C LYS B 156 -13.74 6.05 30.98
N PRO B 157 -13.20 6.23 32.20
CA PRO B 157 -11.85 5.77 32.44
C PRO B 157 -11.74 4.22 32.32
N MET B 158 -10.56 3.75 31.98
CA MET B 158 -10.32 2.33 31.74
C MET B 158 -10.73 1.36 32.83
N ARG B 159 -10.63 1.79 34.07
CA ARG B 159 -11.00 0.91 35.16
C ARG B 159 -12.50 0.63 35.17
N GLU B 160 -13.30 1.45 34.49
CA GLU B 160 -14.73 1.19 34.44
C GLU B 160 -15.14 0.37 33.19
N TRP B 161 -14.19 0.09 32.29
CA TRP B 161 -14.47 -0.70 31.08
C TRP B 161 -14.78 -2.14 31.45
N GLN B 162 -15.97 -2.60 31.10
CA GLN B 162 -16.40 -3.96 31.46
C GLN B 162 -15.92 -4.96 30.42
N LEU B 163 -14.85 -5.66 30.77
CA LEU B 163 -14.23 -6.65 29.90
C LEU B 163 -14.94 -7.99 30.12
N SER B 164 -15.00 -8.80 29.08
CA SER B 164 -15.61 -10.12 29.16
C SER B 164 -14.46 -11.12 29.26
N ASP B 165 -14.62 -12.14 30.09
CA ASP B 165 -13.55 -13.14 30.28
C ASP B 165 -13.17 -13.96 29.03
N ASN B 166 -14.11 -14.13 28.09
CA ASN B 166 -13.85 -14.90 26.87
C ASN B 166 -13.23 -14.11 25.72
N ALA B 167 -13.11 -12.80 25.89
CA ALA B 167 -12.53 -11.90 24.89
C ALA B 167 -11.18 -12.36 24.39
N ALA B 168 -10.97 -12.37 23.09
CA ALA B 168 -9.65 -12.75 22.54
C ALA B 168 -8.63 -11.62 22.81
N TYR B 169 -9.11 -10.38 22.79
CA TYR B 169 -8.30 -9.17 23.04
C TYR B 169 -9.26 -8.02 23.34
N LEU B 170 -8.68 -6.86 23.60
CA LEU B 170 -9.42 -5.62 23.83
C LEU B 170 -8.93 -4.61 22.75
N HIS B 171 -9.86 -3.99 22.05
CA HIS B 171 -9.52 -3.00 21.04
C HIS B 171 -10.09 -1.63 21.36
N TYR B 172 -9.29 -0.58 21.21
CA TYR B 172 -9.75 0.79 21.41
C TYR B 172 -8.98 1.78 20.49
N CYS B 173 -9.52 2.97 20.30
CA CYS B 173 -8.85 4.00 19.48
C CYS B 173 -8.50 5.19 20.38
N PRO B 174 -7.23 5.34 20.74
CA PRO B 174 -6.80 6.45 21.60
C PRO B 174 -7.02 7.88 21.05
N ASN B 175 -7.27 8.03 19.76
CA ASN B 175 -7.49 9.37 19.21
C ASN B 175 -8.43 9.30 18.02
N GLU B 176 -9.60 9.92 18.19
CA GLU B 176 -10.63 9.98 17.17
C GLU B 176 -10.50 11.28 16.43
N THR B 177 -10.02 11.23 15.20
CA THR B 177 -9.80 12.45 14.38
C THR B 177 -10.98 13.33 14.11
N ILE B 178 -12.15 12.75 13.91
CA ILE B 178 -13.36 13.51 13.59
C ILE B 178 -14.01 14.02 14.87
N ASP B 179 -14.02 13.21 15.91
CA ASP B 179 -14.66 13.59 17.16
C ASP B 179 -13.80 14.54 18.03
N GLY B 180 -12.49 14.51 17.86
CA GLY B 180 -11.58 15.32 18.69
C GLY B 180 -11.48 14.77 20.11
N ILE B 181 -11.74 13.46 20.25
CA ILE B 181 -11.69 12.74 21.54
C ILE B 181 -10.47 11.86 21.62
N ALA B 182 -9.73 11.99 22.72
CA ALA B 182 -8.54 11.20 22.96
C ALA B 182 -8.63 10.47 24.29
N ILE B 183 -8.05 9.28 24.33
CA ILE B 183 -7.98 8.48 25.53
C ILE B 183 -6.48 8.32 25.77
N ASP B 184 -5.94 9.15 26.66
CA ASP B 184 -4.49 9.17 26.99
C ASP B 184 -4.06 8.24 28.12
N GLU B 185 -5.02 7.66 28.81
CA GLU B 185 -4.73 6.78 29.91
C GLU B 185 -3.82 5.62 29.46
N THR B 186 -2.79 5.29 30.24
CA THR B 186 -1.92 4.17 29.92
C THR B 186 -2.63 2.92 30.43
N PRO B 187 -2.81 1.91 29.55
CA PRO B 187 -3.47 0.67 29.92
C PRO B 187 -2.74 -0.05 31.02
N ASP B 188 -3.50 -0.65 31.92
CA ASP B 188 -2.89 -1.37 33.02
C ASP B 188 -3.81 -2.49 33.47
N PHE B 189 -4.20 -3.34 32.53
CA PHE B 189 -5.05 -4.46 32.84
C PHE B 189 -4.13 -5.62 33.23
N GLY B 190 -4.69 -6.74 33.67
CA GLY B 190 -3.84 -7.87 34.06
C GLY B 190 -3.11 -8.50 32.87
N PRO B 191 -2.24 -9.47 33.14
CA PRO B 191 -1.53 -10.12 32.04
C PRO B 191 -2.44 -10.97 31.14
N GLU B 192 -3.73 -11.09 31.50
CA GLU B 192 -4.68 -11.86 30.68
C GLU B 192 -5.44 -10.99 29.67
N VAL B 193 -5.17 -9.70 29.63
CA VAL B 193 -5.83 -8.86 28.66
C VAL B 193 -4.84 -8.49 27.55
N VAL B 194 -5.20 -8.79 26.32
CA VAL B 194 -4.36 -8.44 25.19
C VAL B 194 -4.88 -7.11 24.64
N VAL B 195 -4.14 -6.02 24.86
CA VAL B 195 -4.60 -4.71 24.41
C VAL B 195 -4.14 -4.38 22.99
N THR B 196 -5.11 -4.09 22.11
CA THR B 196 -4.84 -3.69 20.71
C THR B 196 -5.40 -2.29 20.53
N ALA B 197 -4.65 -1.44 19.83
CA ALA B 197 -5.00 -0.03 19.72
C ALA B 197 -4.63 0.58 18.40
N ASP B 198 -5.53 1.40 17.89
CA ASP B 198 -5.33 2.12 16.64
C ASP B 198 -4.71 3.49 16.92
N PHE B 199 -3.40 3.58 16.73
CA PHE B 199 -2.67 4.82 16.94
C PHE B 199 -2.44 5.66 15.69
N SER B 200 -3.25 5.46 14.67
CA SER B 200 -3.01 6.17 13.39
C SER B 200 -2.73 7.66 13.47
N SER B 201 -3.61 8.38 14.17
CA SER B 201 -3.52 9.83 14.25
C SER B 201 -2.68 10.40 15.39
N THR B 202 -2.02 9.55 16.16
CA THR B 202 -1.26 10.04 17.28
C THR B 202 0.09 9.37 17.55
N ILE B 203 0.48 8.41 16.72
CA ILE B 203 1.73 7.74 16.99
C ILE B 203 2.87 8.71 16.75
N LEU B 204 3.84 8.66 17.65
CA LEU B 204 5.02 9.53 17.64
C LEU B 204 4.81 10.94 18.19
N SER B 205 3.66 11.20 18.81
CA SER B 205 3.38 12.54 19.39
C SER B 205 3.68 12.59 20.89
N ALA B 206 3.87 11.43 21.50
CA ALA B 206 4.09 11.31 22.93
C ALA B 206 4.81 10.00 23.27
N PRO B 207 5.51 9.94 24.41
CA PRO B 207 6.14 8.67 24.74
C PRO B 207 5.04 7.63 24.92
N LEU B 208 5.38 6.37 24.65
CA LEU B 208 4.41 5.31 24.74
C LEU B 208 5.01 4.08 25.43
N ASP B 209 4.30 3.53 26.40
CA ASP B 209 4.73 2.32 27.11
C ASP B 209 4.24 1.11 26.31
N VAL B 210 4.99 0.77 25.28
CA VAL B 210 4.64 -0.30 24.37
C VAL B 210 4.44 -1.63 25.09
N SER B 211 5.20 -1.85 26.17
CA SER B 211 5.11 -3.09 26.93
C SER B 211 3.70 -3.40 27.45
N ARG B 212 2.84 -2.39 27.56
CA ARG B 212 1.48 -2.56 28.04
C ARG B 212 0.49 -3.01 26.96
N TYR B 213 0.98 -3.25 25.75
CA TYR B 213 0.12 -3.58 24.62
C TYR B 213 0.44 -4.90 24.01
N GLY B 214 -0.53 -5.43 23.27
CA GLY B 214 -0.35 -6.66 22.50
C GLY B 214 -0.06 -6.26 21.06
N VAL B 215 -0.86 -5.33 20.55
CA VAL B 215 -0.69 -4.83 19.21
C VAL B 215 -1.00 -3.32 19.16
N ILE B 216 -0.13 -2.58 18.51
CA ILE B 216 -0.31 -1.17 18.27
C ILE B 216 -0.18 -1.02 16.75
N TYR B 217 -1.15 -0.41 16.08
CA TYR B 217 -1.01 -0.23 14.64
C TYR B 217 -1.26 1.23 14.25
N ALA B 218 -0.73 1.64 13.13
CA ALA B 218 -0.94 3.01 12.70
C ALA B 218 -0.74 3.20 11.24
N GLY B 219 -1.73 3.76 10.56
CA GLY B 219 -1.56 4.12 9.16
C GLY B 219 -0.57 5.28 9.22
N ALA B 220 0.40 5.30 8.34
CA ALA B 220 1.41 6.37 8.36
C ALA B 220 0.93 7.71 7.81
N GLN B 221 -0.24 7.74 7.20
CA GLN B 221 -0.70 8.98 6.54
C GLN B 221 -0.99 10.20 7.44
N LYS B 222 -1.38 9.98 8.68
CA LYS B 222 -1.71 11.09 9.56
C LYS B 222 -0.49 11.78 10.21
N ASN B 223 -0.01 11.21 11.31
CA ASN B 223 1.05 11.84 12.09
C ASN B 223 2.50 11.60 11.65
N ILE B 224 2.72 10.67 10.71
CA ILE B 224 4.08 10.42 10.18
C ILE B 224 4.26 11.23 8.92
N GLY B 225 3.31 11.10 7.99
CA GLY B 225 3.33 11.84 6.74
C GLY B 225 2.99 11.04 5.50
N PRO B 226 3.95 10.22 5.02
CA PRO B 226 3.75 9.44 3.80
C PRO B 226 2.52 8.55 3.82
N ALA B 227 1.73 8.63 2.78
CA ALA B 227 0.55 7.80 2.65
C ALA B 227 0.98 6.49 2.02
N GLY B 228 0.19 5.44 2.24
CA GLY B 228 0.48 4.13 1.67
C GLY B 228 1.24 3.18 2.56
N LEU B 229 1.60 3.63 3.76
CA LEU B 229 2.35 2.80 4.69
C LEU B 229 1.62 2.60 6.00
N THR B 230 1.66 1.39 6.52
CA THR B 230 1.09 1.06 7.80
C THR B 230 2.13 0.35 8.65
N LEU B 231 2.20 0.72 9.92
CA LEU B 231 3.12 0.13 10.86
C LEU B 231 2.32 -0.72 11.83
N VAL B 232 2.84 -1.89 12.16
CA VAL B 232 2.22 -2.75 13.12
C VAL B 232 3.31 -3.18 14.08
N ILE B 233 3.09 -2.94 15.37
CA ILE B 233 3.98 -3.35 16.45
C ILE B 233 3.25 -4.50 17.11
N VAL B 234 3.86 -5.68 17.19
CA VAL B 234 3.17 -6.85 17.71
C VAL B 234 4.00 -7.67 18.66
N ARG B 235 3.44 -7.96 19.83
CA ARG B 235 4.14 -8.76 20.81
C ARG B 235 4.32 -10.16 20.19
N GLU B 236 5.56 -10.65 20.14
CA GLU B 236 5.93 -11.91 19.44
C GLU B 236 5.17 -13.20 19.78
N ASP B 237 4.78 -13.36 21.04
CA ASP B 237 4.06 -14.56 21.47
C ASP B 237 2.65 -14.63 20.93
N LEU B 238 2.15 -13.51 20.39
CA LEU B 238 0.82 -13.49 19.80
C LEU B 238 0.89 -14.02 18.39
N LEU B 239 2.10 -14.15 17.85
CA LEU B 239 2.22 -14.65 16.50
C LEU B 239 1.89 -16.13 16.46
N GLY B 240 1.59 -16.63 15.26
CA GLY B 240 1.37 -18.09 15.08
C GLY B 240 -0.02 -18.68 15.18
N LYS B 241 -1.06 -17.85 15.29
CA LYS B 241 -2.41 -18.38 15.37
C LYS B 241 -3.34 -17.64 14.40
N ALA B 242 -2.81 -17.13 13.30
CA ALA B 242 -3.65 -16.45 12.33
C ALA B 242 -4.65 -17.44 11.76
N HIS B 243 -5.82 -16.96 11.37
CA HIS B 243 -6.81 -17.83 10.79
C HIS B 243 -6.14 -18.45 9.54
N GLU B 244 -6.43 -19.71 9.28
CA GLU B 244 -5.89 -20.44 8.13
C GLU B 244 -6.21 -19.72 6.79
N SER B 245 -7.35 -19.01 6.73
CA SER B 245 -7.78 -18.30 5.52
C SER B 245 -7.43 -16.80 5.47
N CYS B 246 -6.63 -16.35 6.42
CA CYS B 246 -6.17 -14.96 6.43
C CYS B 246 -5.29 -14.73 5.20
N PRO B 247 -5.56 -13.70 4.40
CA PRO B 247 -4.68 -13.44 3.26
C PRO B 247 -3.25 -13.21 3.72
N SER B 248 -2.29 -13.82 3.03
CA SER B 248 -0.89 -13.69 3.37
C SER B 248 -0.45 -12.24 3.61
N ILE B 249 -0.94 -11.28 2.81
CA ILE B 249 -0.59 -9.88 2.98
C ILE B 249 -1.06 -9.29 4.30
N LEU B 250 -1.97 -9.98 4.99
CA LEU B 250 -2.41 -9.50 6.30
C LEU B 250 -1.92 -10.40 7.46
N ASP B 251 -1.20 -11.48 7.13
CA ASP B 251 -0.74 -12.43 8.12
C ASP B 251 0.51 -11.91 8.81
N TYR B 252 0.43 -11.66 10.11
CA TYR B 252 1.56 -11.12 10.81
C TYR B 252 2.74 -12.09 10.83
N THR B 253 2.44 -13.38 10.92
CA THR B 253 3.47 -14.39 11.00
C THR B 253 4.21 -14.55 9.68
N VAL B 254 3.48 -14.44 8.57
CA VAL B 254 4.07 -14.57 7.24
C VAL B 254 4.91 -13.34 6.87
N LEU B 255 4.35 -12.16 7.10
CA LEU B 255 5.06 -10.92 6.82
C LEU B 255 6.30 -10.79 7.71
N ASN B 256 6.23 -11.35 8.91
CA ASN B 256 7.35 -11.30 9.85
C ASN B 256 8.63 -11.88 9.18
N ASP B 257 8.45 -12.74 8.19
CA ASP B 257 9.56 -13.36 7.44
C ASP B 257 10.04 -12.46 6.28
N ASN B 258 9.38 -12.56 5.14
CA ASN B 258 9.78 -11.80 3.93
C ASN B 258 8.78 -10.70 3.53
N PRO B 266 10.15 -2.59 -0.60
CA PRO B 266 10.49 -1.23 -0.18
C PRO B 266 9.96 -0.17 -1.15
N THR B 267 9.01 0.62 -0.67
CA THR B 267 8.35 1.67 -1.45
C THR B 267 9.24 2.91 -1.47
N PHE B 268 8.59 4.06 -1.40
CA PHE B 268 9.21 5.35 -1.33
C PHE B 268 8.74 5.94 -0.01
N ALA B 269 7.49 5.65 0.35
CA ALA B 269 6.90 6.08 1.61
C ALA B 269 7.78 5.59 2.75
N TRP B 270 8.55 4.57 2.45
CA TRP B 270 9.47 3.97 3.37
C TRP B 270 10.60 4.98 3.56
N TYR B 271 11.16 5.47 2.46
CA TYR B 271 12.24 6.45 2.49
C TYR B 271 11.78 7.72 3.23
N LEU B 272 10.63 8.27 2.82
CA LEU B 272 10.09 9.48 3.47
C LEU B 272 9.97 9.31 4.96
N SER B 273 9.37 8.19 5.40
CA SER B 273 9.20 7.92 6.81
C SER B 273 10.57 7.89 7.48
N GLY B 274 11.54 7.30 6.79
CA GLY B 274 12.91 7.21 7.28
C GLY B 274 13.41 8.59 7.62
N LEU B 275 13.21 9.53 6.70
CA LEU B 275 13.64 10.90 6.93
C LEU B 275 12.85 11.54 8.09
N VAL B 276 11.54 11.30 8.16
CA VAL B 276 10.71 11.83 9.25
C VAL B 276 11.24 11.31 10.61
N PHE B 277 11.68 10.05 10.67
CA PHE B 277 12.18 9.52 11.94
C PHE B 277 13.48 10.20 12.34
N LYS B 278 14.35 10.47 11.37
CA LYS B 278 15.61 11.15 11.63
C LYS B 278 15.32 12.55 12.09
N TRP B 279 14.39 13.20 11.40
CA TRP B 279 14.02 14.54 11.78
C TRP B 279 13.54 14.52 13.25
N LEU B 280 12.69 13.55 13.60
CA LEU B 280 12.22 13.45 14.98
C LEU B 280 13.36 13.32 15.98
N LYS B 281 14.27 12.41 15.68
CA LYS B 281 15.41 12.22 16.56
C LYS B 281 16.15 13.55 16.71
N ALA B 282 16.39 14.24 15.61
CA ALA B 282 17.13 15.52 15.61
C ALA B 282 16.38 16.60 16.38
N GLN B 283 15.06 16.48 16.53
CA GLN B 283 14.29 17.47 17.30
C GLN B 283 14.29 17.16 18.79
N GLY B 284 14.85 16.03 19.18
CA GLY B 284 14.86 15.58 20.59
C GLY B 284 13.85 14.45 20.80
N GLY B 285 13.35 13.89 19.71
CA GLY B 285 12.42 12.80 19.79
C GLY B 285 11.00 13.06 20.28
N VAL B 286 10.38 11.98 20.70
CA VAL B 286 9.02 11.97 21.15
C VAL B 286 8.72 12.79 22.38
N ALA B 287 9.73 12.99 23.24
CA ALA B 287 9.56 13.79 24.45
C ALA B 287 9.50 15.24 24.03
N ALA B 288 10.39 15.63 23.13
CA ALA B 288 10.42 17.00 22.63
C ALA B 288 9.14 17.30 21.87
N MET B 289 8.69 16.33 21.08
CA MET B 289 7.48 16.51 20.27
C MET B 289 6.27 16.69 21.18
N HIS B 290 6.25 15.96 22.27
CA HIS B 290 5.18 16.04 23.25
C HIS B 290 5.13 17.44 23.85
N LYS B 291 6.29 18.00 24.19
CA LYS B 291 6.31 19.35 24.73
C LYS B 291 5.72 20.34 23.70
N ILE B 292 6.25 20.33 22.48
CA ILE B 292 5.75 21.23 21.41
C ILE B 292 4.26 21.07 21.11
N ASN B 293 3.79 19.84 21.07
CA ASN B 293 2.37 19.59 20.80
C ASN B 293 1.48 20.09 21.94
N GLN B 294 1.97 19.97 23.17
CA GLN B 294 1.24 20.41 24.35
C GLN B 294 1.00 21.93 24.22
N GLN B 295 2.04 22.68 23.87
CA GLN B 295 1.91 24.14 23.70
C GLN B 295 0.97 24.50 22.52
N LYS B 296 1.11 23.78 21.41
CA LYS B 296 0.24 24.00 20.24
C LYS B 296 -1.21 23.78 20.60
N ALA B 297 -1.48 22.73 21.37
CA ALA B 297 -2.85 22.44 21.77
C ALA B 297 -3.37 23.53 22.71
N GLU B 298 -2.56 23.90 23.72
CA GLU B 298 -2.97 24.95 24.66
C GLU B 298 -3.29 26.26 23.96
N LEU B 299 -2.45 26.65 23.01
CA LEU B 299 -2.70 27.88 22.27
C LEU B 299 -4.05 27.82 21.55
N LEU B 300 -4.32 26.74 20.86
CA LEU B 300 -5.56 26.67 20.11
C LEU B 300 -6.80 26.52 21.01
N TYR B 301 -6.78 25.59 21.95
CA TYR B 301 -7.91 25.43 22.85
C TYR B 301 -8.11 26.67 23.69
N GLY B 302 -7.01 27.33 24.03
CA GLY B 302 -7.05 28.56 24.82
C GLY B 302 -7.87 29.61 24.11
N VAL B 303 -7.63 29.79 22.82
CA VAL B 303 -8.38 30.77 22.05
C VAL B 303 -9.83 30.38 21.92
N ILE B 304 -10.11 29.12 21.65
CA ILE B 304 -11.50 28.67 21.54
C ILE B 304 -12.32 28.88 22.83
N ASP B 305 -11.71 28.59 23.98
CA ASP B 305 -12.39 28.68 25.27
C ASP B 305 -12.56 30.07 25.83
N ASN B 306 -11.68 30.98 25.46
N ASN B 306 -11.68 30.98 25.43
CA ASN B 306 -11.77 32.36 25.93
CA ASN B 306 -11.73 32.36 25.91
C ASN B 306 -12.69 33.21 25.06
C ASN B 306 -12.71 33.19 25.07
N SER B 307 -13.20 32.62 23.98
CA SER B 307 -14.13 33.28 23.10
C SER B 307 -15.51 32.67 23.18
N ASP B 308 -16.55 33.50 23.21
CA ASP B 308 -17.93 33.01 23.22
C ASP B 308 -18.34 32.69 21.77
N PHE B 309 -17.54 33.22 20.83
CA PHE B 309 -17.76 33.09 19.41
C PHE B 309 -17.44 31.67 18.89
N TYR B 310 -16.37 31.06 19.40
CA TYR B 310 -15.98 29.70 19.02
C TYR B 310 -16.33 28.73 20.15
N ARG B 311 -16.76 27.50 19.77
CA ARG B 311 -17.18 26.47 20.74
C ARG B 311 -16.55 25.10 20.49
N ASN B 312 -16.17 24.44 21.57
CA ASN B 312 -15.66 23.06 21.53
C ASN B 312 -16.30 22.36 22.71
N ASP B 313 -16.95 21.23 22.46
CA ASP B 313 -17.71 20.53 23.49
C ASP B 313 -17.13 19.20 23.97
N VAL B 314 -15.81 19.11 24.06
CA VAL B 314 -15.18 17.88 24.53
C VAL B 314 -14.56 18.16 25.90
N ALA B 315 -14.82 17.26 26.85
CA ALA B 315 -14.27 17.41 28.21
C ALA B 315 -12.76 17.55 28.13
N GLN B 316 -12.19 18.41 28.98
CA GLN B 316 -10.76 18.67 28.96
C GLN B 316 -9.86 17.43 29.02
N ALA B 317 -10.21 16.47 29.87
CA ALA B 317 -9.41 15.28 30.01
C ALA B 317 -9.35 14.39 28.74
N ASN B 318 -10.31 14.55 27.84
CA ASN B 318 -10.40 13.78 26.60
C ASN B 318 -10.21 14.61 25.33
N ARG B 319 -9.69 15.82 25.48
CA ARG B 319 -9.43 16.66 24.31
C ARG B 319 -8.21 16.20 23.57
N SER B 320 -8.39 15.94 22.28
CA SER B 320 -7.29 15.54 21.43
C SER B 320 -6.28 16.66 21.24
N ARG B 321 -4.99 16.32 21.24
CA ARG B 321 -3.92 17.30 20.99
C ARG B 321 -3.58 17.35 19.51
N MET B 322 -4.16 16.46 18.73
CA MET B 322 -3.89 16.37 17.29
C MET B 322 -5.01 16.86 16.38
N ASN B 323 -6.26 16.69 16.81
CA ASN B 323 -7.41 17.06 15.99
C ASN B 323 -8.35 17.89 16.82
N VAL B 324 -8.46 19.17 16.48
CA VAL B 324 -9.29 20.08 17.25
C VAL B 324 -10.53 20.54 16.49
N PRO B 325 -11.68 19.92 16.77
CA PRO B 325 -12.89 20.34 16.12
C PRO B 325 -13.50 21.51 16.91
N PHE B 326 -14.16 22.41 16.19
CA PHE B 326 -14.86 23.52 16.81
C PHE B 326 -15.99 24.04 15.94
N GLN B 327 -16.99 24.66 16.57
N GLN B 327 -16.98 24.67 16.58
CA GLN B 327 -18.12 25.25 15.85
CA GLN B 327 -18.12 25.25 15.89
C GLN B 327 -18.08 26.75 16.07
C GLN B 327 -18.08 26.76 16.09
N LEU B 328 -18.83 27.47 15.25
CA LEU B 328 -18.95 28.92 15.37
C LEU B 328 -20.29 29.05 16.08
N ALA B 329 -20.39 29.97 17.03
CA ALA B 329 -21.62 30.20 17.78
C ALA B 329 -22.73 30.56 16.79
N ASP B 330 -22.40 31.42 15.82
CA ASP B 330 -23.33 31.81 14.75
C ASP B 330 -22.97 30.96 13.54
N ASN B 331 -23.60 29.81 13.48
CA ASN B 331 -23.41 28.81 12.43
C ASN B 331 -23.48 29.37 10.99
N THR B 332 -24.25 30.43 10.80
CA THR B 332 -24.40 31.05 9.47
C THR B 332 -23.11 31.62 8.88
N LEU B 333 -22.10 31.85 9.71
CA LEU B 333 -20.84 32.41 9.23
C LEU B 333 -19.84 31.37 8.72
N ASP B 334 -20.23 30.09 8.72
CA ASP B 334 -19.33 29.03 8.27
C ASP B 334 -18.78 29.24 6.86
N LYS B 335 -19.62 29.68 5.93
CA LYS B 335 -19.14 29.90 4.56
C LYS B 335 -18.01 30.94 4.54
N VAL B 336 -18.31 32.17 4.96
CA VAL B 336 -17.28 33.22 4.95
C VAL B 336 -16.04 32.81 5.77
N PHE B 337 -16.22 32.11 6.88
CA PHE B 337 -15.06 31.68 7.66
C PHE B 337 -14.14 30.81 6.78
N LEU B 338 -14.73 29.85 6.09
CA LEU B 338 -13.94 28.96 5.22
C LEU B 338 -13.35 29.74 4.05
N GLU B 339 -14.08 30.71 3.52
CA GLU B 339 -13.59 31.50 2.39
C GLU B 339 -12.46 32.45 2.80
N GLU B 340 -12.64 33.18 3.89
CA GLU B 340 -11.60 34.11 4.36
C GLU B 340 -10.36 33.39 4.93
N SER B 341 -10.54 32.23 5.56
CA SER B 341 -9.39 31.49 6.10
C SER B 341 -8.55 30.93 4.93
N PHE B 342 -9.24 30.32 3.97
CA PHE B 342 -8.61 29.75 2.79
C PHE B 342 -7.85 30.84 2.05
N ALA B 343 -8.43 32.02 1.94
CA ALA B 343 -7.77 33.14 1.25
C ALA B 343 -6.73 33.81 2.14
N ALA B 344 -6.33 33.15 3.22
CA ALA B 344 -5.31 33.68 4.11
C ALA B 344 -4.23 32.64 4.37
N GLY B 345 -4.12 31.66 3.48
CA GLY B 345 -3.13 30.60 3.62
C GLY B 345 -3.47 29.52 4.65
N LEU B 346 -4.70 29.51 5.16
CA LEU B 346 -5.12 28.51 6.14
C LEU B 346 -6.03 27.49 5.45
N HIS B 347 -5.47 26.34 5.07
CA HIS B 347 -6.21 25.32 4.30
C HIS B 347 -6.84 24.12 5.02
N ALA B 348 -7.88 23.61 4.38
CA ALA B 348 -8.64 22.42 4.81
C ALA B 348 -9.09 22.44 6.25
N LEU B 349 -9.96 23.39 6.59
CA LEU B 349 -10.51 23.52 7.95
C LEU B 349 -11.94 23.02 8.09
N LYS B 350 -12.62 22.80 6.97
CA LYS B 350 -14.00 22.35 7.03
C LYS B 350 -14.05 21.03 7.80
N GLY B 351 -14.99 20.91 8.73
CA GLY B 351 -15.14 19.69 9.51
C GLY B 351 -15.72 18.60 8.64
N HIS B 352 -15.60 17.36 9.10
CA HIS B 352 -16.10 16.19 8.35
C HIS B 352 -17.62 16.30 8.22
N ARG B 353 -18.13 15.96 7.04
CA ARG B 353 -19.56 16.00 6.73
C ARG B 353 -20.41 15.46 7.88
N VAL B 354 -20.00 14.32 8.43
CA VAL B 354 -20.70 13.69 9.54
C VAL B 354 -21.02 14.68 10.66
N VAL B 355 -20.02 15.46 11.08
CA VAL B 355 -20.19 16.41 12.18
C VAL B 355 -20.46 17.87 11.75
N GLY B 356 -19.86 18.32 10.65
CA GLY B 356 -20.03 19.71 10.22
C GLY B 356 -19.09 20.60 11.03
N GLY B 357 -19.31 21.92 10.99
CA GLY B 357 -18.47 22.85 11.72
C GLY B 357 -17.06 22.99 11.14
N MET B 358 -16.06 23.11 12.01
CA MET B 358 -14.67 23.27 11.58
C MET B 358 -13.78 22.27 12.29
N ARG B 359 -12.65 21.95 11.67
CA ARG B 359 -11.69 21.05 12.31
C ARG B 359 -10.27 21.40 11.93
N ALA B 360 -9.41 21.49 12.95
CA ALA B 360 -8.04 21.82 12.72
C ALA B 360 -7.16 20.69 13.22
N SER B 361 -6.43 20.06 12.31
CA SER B 361 -5.51 18.99 12.67
C SER B 361 -4.14 19.62 12.80
N ILE B 362 -3.52 19.42 13.95
CA ILE B 362 -2.22 19.98 14.26
C ILE B 362 -1.20 18.92 14.67
N TYR B 363 -0.81 18.12 13.69
CA TYR B 363 0.15 17.04 13.86
C TYR B 363 1.58 17.54 14.08
N ASN B 364 2.49 16.60 14.29
CA ASN B 364 3.91 16.89 14.50
C ASN B 364 4.45 17.81 13.44
N ALA B 365 4.08 17.54 12.19
CA ALA B 365 4.57 18.34 11.04
C ALA B 365 4.10 19.80 11.07
N MET B 366 3.01 20.07 11.78
CA MET B 366 2.46 21.44 11.89
C MET B 366 3.22 22.22 12.98
N PRO B 367 3.95 23.29 12.59
CA PRO B 367 4.72 24.07 13.57
C PRO B 367 3.89 25.05 14.39
N ILE B 368 4.47 25.60 15.45
CA ILE B 368 3.73 26.50 16.31
C ILE B 368 3.32 27.76 15.52
N GLU B 369 4.16 28.19 14.56
CA GLU B 369 3.86 29.37 13.72
C GLU B 369 2.58 29.16 12.92
N GLY B 370 2.33 27.93 12.49
CA GLY B 370 1.10 27.59 11.76
C GLY B 370 -0.12 27.74 12.68
N VAL B 371 -0.02 27.26 13.91
CA VAL B 371 -1.14 27.39 14.85
C VAL B 371 -1.37 28.87 15.22
N LYS B 372 -0.30 29.63 15.35
CA LYS B 372 -0.39 31.03 15.66
C LYS B 372 -1.14 31.77 14.55
N ALA B 373 -0.84 31.45 13.29
CA ALA B 373 -1.52 32.09 12.17
C ALA B 373 -3.02 31.77 12.22
N LEU B 374 -3.35 30.54 12.57
CA LEU B 374 -4.75 30.13 12.68
C LEU B 374 -5.44 30.92 13.79
N THR B 375 -4.83 30.96 14.96
CA THR B 375 -5.41 31.69 16.09
C THR B 375 -5.48 33.20 15.85
N ASP B 376 -4.44 33.79 15.24
CA ASP B 376 -4.47 35.23 14.93
C ASP B 376 -5.66 35.51 14.03
N PHE B 377 -5.86 34.65 13.04
CA PHE B 377 -6.98 34.77 12.13
C PHE B 377 -8.33 34.61 12.83
N MET B 378 -8.43 33.67 13.76
CA MET B 378 -9.70 33.47 14.44
C MET B 378 -10.08 34.69 15.26
N ILE B 379 -9.10 35.28 15.93
CA ILE B 379 -9.33 36.47 16.76
C ILE B 379 -9.76 37.67 15.92
N ASP B 380 -9.10 37.89 14.80
CA ASP B 380 -9.44 39.01 13.92
C ASP B 380 -10.81 38.80 13.29
N PHE B 381 -11.12 37.55 12.97
CA PHE B 381 -12.41 37.22 12.36
C PHE B 381 -13.55 37.49 13.35
N GLU B 382 -13.34 37.12 14.62
CA GLU B 382 -14.36 37.38 15.64
C GLU B 382 -14.47 38.87 15.84
N ARG B 383 -13.34 39.55 15.77
CA ARG B 383 -13.31 40.99 15.92
C ARG B 383 -14.14 41.63 14.79
N ARG B 384 -14.12 41.03 13.61
CA ARG B 384 -14.85 41.57 12.46
C ARG B 384 -16.29 41.11 12.29
N HIS B 385 -16.61 39.90 12.70
CA HIS B 385 -17.98 39.39 12.54
C HIS B 385 -18.74 39.24 13.85
N GLY B 386 -18.04 39.35 14.98
CA GLY B 386 -18.67 39.22 16.29
C GLY B 386 -19.58 40.37 16.66
#